data_6B8O
#
_entry.id   6B8O
#
_cell.length_a   160.331
_cell.length_b   160.331
_cell.length_c   86.205
_cell.angle_alpha   90.000
_cell.angle_beta   90.000
_cell.angle_gamma   90.000
#
_symmetry.space_group_name_H-M   'P 41 21 2'
#
loop_
_entity.id
_entity.type
_entity.pdbx_description
1 polymer 'Triggering receptor expressed on myeloid cells 2'
2 non-polymer 2-acetamido-2-deoxy-beta-D-glucopyranose
3 non-polymer 'IODIDE ION'
4 non-polymer 'SULFATE ION'
5 non-polymer 1,2-ETHANEDIOL
6 non-polymer 1,2-DICAPROYL-SN-PHOSPHATIDYL-L-SERINE
7 water water
#
_entity_poly.entity_id   1
_entity_poly.type   'polypeptide(L)'
_entity_poly.pdbx_seq_one_letter_code
;HDTTVFQGVAGQSLQVSCPYDSMKHWGRRKAWCRQLGEKGPCQRVVSTHNLWLLSFLRRWNGSTAITDDTLGGTLTITLR
NLQPHDAGLYQCQSLHGSEADTLRKVLVEVLADPLDHRDAGDLWFPGESESFEDAHVEHSISRSLLEGEIPFPPTSENLY
FQGHHHHHH
;
_entity_poly.pdbx_strand_id   A,B,C,D,E,F
#
loop_
_chem_comp.id
_chem_comp.type
_chem_comp.name
_chem_comp.formula
EDO non-polymer 1,2-ETHANEDIOL 'C2 H6 O2'
IOD non-polymer 'IODIDE ION' 'I -1'
NAG D-saccharide, beta linking 2-acetamido-2-deoxy-beta-D-glucopyranose 'C8 H15 N O6'
PSF non-polymer 1,2-DICAPROYL-SN-PHOSPHATIDYL-L-SERINE 'C18 H34 N O10 P'
SO4 non-polymer 'SULFATE ION' 'O4 S -2'
#
# COMPACT_ATOMS: atom_id res chain seq x y z
N THR A 3 -0.72 -24.81 -10.10
CA THR A 3 -1.99 -24.02 -10.24
C THR A 3 -2.65 -23.75 -8.89
N THR A 4 -3.00 -22.50 -8.66
CA THR A 4 -3.62 -22.08 -7.42
C THR A 4 -4.88 -21.28 -7.85
N VAL A 5 -5.92 -21.30 -7.05
CA VAL A 5 -7.21 -20.75 -7.37
C VAL A 5 -7.43 -19.57 -6.47
N PHE A 6 -7.91 -18.45 -7.03
CA PHE A 6 -8.34 -17.25 -6.33
C PHE A 6 -9.76 -16.98 -6.75
N GLN A 7 -10.61 -16.75 -5.79
CA GLN A 7 -11.97 -16.51 -6.04
C GLN A 7 -12.36 -15.23 -5.44
N GLY A 8 -13.25 -14.52 -6.11
CA GLY A 8 -13.78 -13.35 -5.55
C GLY A 8 -15.18 -13.14 -5.99
N VAL A 9 -15.77 -12.16 -5.34
CA VAL A 9 -17.09 -11.75 -5.60
C VAL A 9 -17.11 -10.78 -6.72
N ALA A 10 -18.04 -11.01 -7.65
CA ALA A 10 -18.30 -10.09 -8.75
C ALA A 10 -18.59 -8.74 -8.23
N GLY A 11 -18.12 -7.73 -8.93
CA GLY A 11 -18.35 -6.34 -8.54
C GLY A 11 -17.38 -5.77 -7.51
N GLN A 12 -16.49 -6.59 -6.94
CA GLN A 12 -15.50 -6.18 -5.92
C GLN A 12 -14.10 -6.46 -6.47
N SER A 13 -13.10 -5.96 -5.79
CA SER A 13 -11.71 -6.09 -6.24
C SER A 13 -11.22 -7.40 -5.80
N LEU A 14 -10.38 -8.02 -6.61
CA LEU A 14 -9.84 -9.28 -6.19
C LEU A 14 -8.31 -9.11 -6.23
N GLN A 15 -7.67 -9.49 -5.14
CA GLN A 15 -6.25 -9.33 -5.03
C GLN A 15 -5.59 -10.67 -5.26
N VAL A 16 -4.72 -10.77 -6.26
CA VAL A 16 -3.97 -11.99 -6.50
C VAL A 16 -2.51 -11.72 -6.15
N SER A 17 -1.86 -12.67 -5.54
CA SER A 17 -0.49 -12.51 -5.11
C SER A 17 0.24 -13.75 -5.56
N CYS A 18 1.46 -13.59 -6.06
CA CYS A 18 2.28 -14.69 -6.62
C CYS A 18 3.64 -14.60 -5.93
N PRO A 19 4.02 -15.62 -5.17
CA PRO A 19 5.34 -15.50 -4.59
C PRO A 19 6.39 -16.00 -5.56
N TYR A 20 7.60 -15.48 -5.43
CA TYR A 20 8.71 -16.00 -6.18
C TYR A 20 10.02 -15.82 -5.39
N ASP A 21 11.04 -16.49 -5.91
CA ASP A 21 12.40 -16.45 -5.39
C ASP A 21 13.07 -15.13 -5.84
N SER A 22 13.31 -14.23 -4.89
CA SER A 22 13.77 -12.89 -5.24
C SER A 22 15.18 -12.89 -5.80
N MET A 23 15.98 -13.94 -5.48
CA MET A 23 17.34 -14.04 -6.05
C MET A 23 17.33 -14.61 -7.45
N LYS A 24 16.66 -15.73 -7.64
CA LYS A 24 16.52 -16.29 -8.97
C LYS A 24 16.03 -15.28 -10.01
N HIS A 25 15.05 -14.48 -9.65
CA HIS A 25 14.45 -13.54 -10.62
C HIS A 25 14.84 -12.10 -10.29
N TRP A 26 15.97 -11.97 -9.58
CA TRP A 26 16.59 -10.69 -9.32
C TRP A 26 16.74 -9.89 -10.61
N GLY A 27 16.33 -8.63 -10.57
CA GLY A 27 16.51 -7.71 -11.69
C GLY A 27 15.48 -7.84 -12.79
N ARG A 28 14.48 -8.69 -12.67
CA ARG A 28 13.58 -8.92 -13.77
C ARG A 28 12.29 -8.25 -13.58
N ARG A 29 11.78 -7.70 -14.66
CA ARG A 29 10.40 -7.27 -14.71
C ARG A 29 9.43 -8.48 -14.66
N LYS A 30 8.17 -8.22 -14.31
CA LYS A 30 7.10 -9.21 -14.25
C LYS A 30 5.93 -8.78 -15.15
N ALA A 31 5.14 -9.78 -15.53
CA ALA A 31 3.90 -9.63 -16.29
C ALA A 31 2.85 -10.57 -15.77
N TRP A 32 1.62 -10.19 -16.02
CA TRP A 32 0.43 -10.97 -15.72
C TRP A 32 -0.17 -11.17 -17.09
N CYS A 33 -0.49 -12.41 -17.44
CA CYS A 33 -1.11 -12.66 -18.72
C CYS A 33 -2.17 -13.74 -18.67
N ARG A 34 -3.03 -13.72 -19.66
CA ARG A 34 -4.19 -14.62 -19.72
C ARG A 34 -3.90 -15.73 -20.72
N GLN A 35 -3.96 -16.98 -20.24
CA GLN A 35 -3.58 -18.16 -21.04
C GLN A 35 -4.80 -18.72 -21.76
N LEU A 36 -5.20 -17.97 -22.80
CA LEU A 36 -6.27 -18.17 -23.82
C LEU A 36 -6.53 -19.52 -24.48
N GLY A 37 -6.09 -20.63 -23.93
CA GLY A 37 -6.37 -21.93 -24.48
C GLY A 37 -5.04 -22.60 -24.48
N GLU A 38 -5.07 -23.94 -24.52
CA GLU A 38 -3.91 -24.91 -24.55
C GLU A 38 -2.66 -24.51 -23.67
N LYS A 39 -1.47 -25.02 -24.00
CA LYS A 39 -0.24 -24.22 -23.76
C LYS A 39 0.08 -23.43 -25.07
N GLY A 40 -0.95 -22.74 -25.59
CA GLY A 40 -0.90 -21.85 -26.73
C GLY A 40 -0.82 -20.45 -26.16
N PRO A 41 -1.56 -19.46 -26.75
CA PRO A 41 -1.16 -18.04 -26.61
C PRO A 41 -1.43 -17.46 -25.21
N CYS A 42 -0.40 -16.97 -24.55
CA CYS A 42 -0.53 -16.35 -23.24
C CYS A 42 -0.57 -14.85 -23.44
N GLN A 43 -1.72 -14.20 -23.36
CA GLN A 43 -1.81 -12.79 -23.83
C GLN A 43 -1.56 -11.81 -22.66
N ARG A 44 -0.61 -10.95 -22.86
CA ARG A 44 -0.21 -9.91 -21.91
C ARG A 44 -1.39 -9.03 -21.48
N VAL A 45 -1.67 -8.92 -20.18
CA VAL A 45 -2.67 -7.98 -19.66
C VAL A 45 -1.93 -6.78 -19.13
N VAL A 46 -0.95 -7.01 -18.22
CA VAL A 46 -0.20 -5.92 -17.62
C VAL A 46 1.18 -6.32 -17.20
N SER A 47 2.13 -5.36 -17.25
CA SER A 47 3.45 -5.58 -16.79
C SER A 47 3.95 -4.53 -15.78
N THR A 48 4.95 -4.91 -15.03
CA THR A 48 5.55 -4.00 -14.00
C THR A 48 6.30 -2.84 -14.70
N HIS A 49 6.59 -1.80 -13.93
CA HIS A 49 7.30 -0.59 -14.41
C HIS A 49 8.53 -0.97 -15.26
N ASN A 50 8.79 -0.23 -16.34
CA ASN A 50 9.99 -0.46 -17.23
C ASN A 50 11.36 -0.32 -16.51
N LEU A 51 11.39 0.51 -15.48
CA LEU A 51 12.50 0.63 -14.53
C LEU A 51 12.25 -0.28 -13.31
N TRP A 52 13.10 -1.29 -13.18
CA TRP A 52 12.96 -2.31 -12.19
C TRP A 52 13.01 -1.70 -10.75
N LEU A 53 13.84 -0.70 -10.53
CA LEU A 53 13.86 -0.08 -9.20
C LEU A 53 12.55 0.65 -8.84
N LEU A 54 11.68 0.88 -9.83
CA LEU A 54 10.37 1.44 -9.55
C LEU A 54 9.22 0.39 -9.60
N SER A 55 9.54 -0.89 -9.41
CA SER A 55 8.55 -2.00 -9.54
C SER A 55 7.43 -1.89 -8.54
N PHE A 56 7.69 -1.20 -7.43
CA PHE A 56 6.69 -1.02 -6.40
C PHE A 56 5.63 -0.03 -6.85
N LEU A 57 5.80 0.68 -7.96
CA LEU A 57 4.77 1.66 -8.37
C LEU A 57 3.64 0.89 -9.13
N ARG A 58 2.42 1.12 -8.73
CA ARG A 58 1.23 0.54 -9.34
C ARG A 58 1.07 0.97 -10.75
N ARG A 59 1.01 -0.01 -11.66
CA ARG A 59 0.72 0.29 -13.06
C ARG A 59 -0.64 -0.30 -13.33
N TRP A 60 -1.46 0.47 -14.05
CA TRP A 60 -2.74 0.09 -14.52
C TRP A 60 -2.67 -0.14 -16.01
N ASN A 61 -3.32 -1.21 -16.47
CA ASN A 61 -3.85 -1.36 -17.83
C ASN A 61 -5.36 -1.82 -17.77
N GLY A 62 -6.25 -0.91 -18.11
CA GLY A 62 -7.67 -1.12 -18.07
C GLY A 62 -8.04 -1.34 -16.62
N SER A 63 -8.73 -2.42 -16.34
CA SER A 63 -9.23 -2.66 -15.02
C SER A 63 -8.29 -3.64 -14.27
N THR A 64 -7.03 -3.77 -14.75
CA THR A 64 -6.04 -4.53 -14.02
C THR A 64 -4.85 -3.67 -13.59
N ALA A 65 -4.52 -3.80 -12.30
CA ALA A 65 -3.30 -3.20 -11.69
C ALA A 65 -2.26 -4.21 -11.28
N ILE A 66 -1.00 -3.78 -11.22
CA ILE A 66 0.09 -4.64 -10.76
C ILE A 66 1.15 -3.82 -9.98
N THR A 67 1.69 -4.45 -8.93
CA THR A 67 2.80 -3.93 -8.14
C THR A 67 3.65 -5.15 -7.80
N ASP A 68 4.95 -4.97 -7.75
CA ASP A 68 5.88 -6.01 -7.37
C ASP A 68 6.66 -5.54 -6.15
N ASP A 69 6.79 -6.42 -5.17
CA ASP A 69 7.68 -6.26 -4.04
C ASP A 69 8.90 -7.15 -4.24
N THR A 70 9.94 -6.57 -4.84
CA THR A 70 11.10 -7.39 -5.22
C THR A 70 11.97 -7.80 -4.07
N LEU A 71 11.80 -7.20 -2.91
CA LEU A 71 12.55 -7.60 -1.73
C LEU A 71 11.90 -8.83 -1.08
N GLY A 72 10.63 -8.74 -0.74
CA GLY A 72 9.91 -9.93 -0.24
C GLY A 72 9.67 -11.00 -1.30
N GLY A 73 9.72 -10.62 -2.57
CA GLY A 73 9.51 -11.61 -3.64
C GLY A 73 8.04 -11.91 -3.79
N THR A 74 7.21 -10.90 -3.94
CA THR A 74 5.78 -11.09 -4.06
C THR A 74 5.26 -10.11 -5.05
N LEU A 75 4.52 -10.61 -6.02
CA LEU A 75 3.96 -9.83 -7.07
C LEU A 75 2.48 -9.77 -6.70
N THR A 76 1.87 -8.59 -6.76
CA THR A 76 0.48 -8.45 -6.45
C THR A 76 -0.30 -7.90 -7.63
N ILE A 77 -1.40 -8.55 -8.01
CA ILE A 77 -2.23 -8.12 -9.15
C ILE A 77 -3.62 -7.80 -8.60
N THR A 78 -4.17 -6.67 -8.97
CA THR A 78 -5.49 -6.31 -8.59
C THR A 78 -6.38 -6.34 -9.83
N LEU A 79 -7.46 -7.13 -9.73
CA LEU A 79 -8.52 -7.12 -10.76
C LEU A 79 -9.60 -6.25 -10.15
N ARG A 80 -9.72 -5.05 -10.66
CA ARG A 80 -10.74 -4.12 -10.21
C ARG A 80 -12.13 -4.58 -10.69
N ASN A 81 -13.17 -4.43 -9.86
CA ASN A 81 -14.53 -4.66 -10.37
C ASN A 81 -14.65 -6.03 -11.14
N LEU A 82 -14.35 -7.13 -10.45
CA LEU A 82 -14.25 -8.43 -11.02
C LEU A 82 -15.60 -8.80 -11.62
N GLN A 83 -15.58 -9.27 -12.84
CA GLN A 83 -16.80 -9.71 -13.52
C GLN A 83 -16.59 -11.14 -14.05
N PRO A 84 -17.69 -11.86 -14.36
CA PRO A 84 -17.56 -13.26 -14.85
C PRO A 84 -16.65 -13.40 -16.10
N HIS A 85 -16.61 -12.39 -16.96
CA HIS A 85 -15.63 -12.39 -18.04
C HIS A 85 -14.19 -12.46 -17.66
N ASP A 86 -13.83 -12.12 -16.41
CA ASP A 86 -12.41 -12.14 -15.98
C ASP A 86 -11.99 -13.55 -15.59
N ALA A 87 -12.95 -14.45 -15.44
CA ALA A 87 -12.64 -15.83 -15.04
C ALA A 87 -11.76 -16.53 -16.08
N GLY A 88 -10.97 -17.48 -15.61
CA GLY A 88 -9.99 -18.14 -16.46
C GLY A 88 -8.61 -18.32 -15.83
N LEU A 89 -7.69 -18.77 -16.67
CA LEU A 89 -6.39 -19.19 -16.26
C LEU A 89 -5.46 -18.05 -16.62
N TYR A 90 -4.59 -17.70 -15.68
CA TYR A 90 -3.61 -16.65 -15.96
C TYR A 90 -2.24 -17.15 -15.53
N GLN A 91 -1.22 -16.42 -15.98
CA GLN A 91 0.15 -16.64 -15.53
C GLN A 91 0.76 -15.37 -15.01
N CYS A 92 1.39 -15.45 -13.85
CA CYS A 92 2.43 -14.49 -13.41
C CYS A 92 3.73 -14.92 -14.05
N GLN A 93 4.38 -14.03 -14.77
CA GLN A 93 5.68 -14.34 -15.32
C GLN A 93 6.81 -13.37 -14.94
N SER A 94 8.03 -13.82 -15.15
CA SER A 94 9.27 -13.08 -15.01
C SER A 94 9.80 -12.87 -16.42
N LEU A 95 10.06 -11.64 -16.82
CA LEU A 95 10.59 -11.37 -18.15
C LEU A 95 12.14 -11.35 -18.14
N HIS A 96 12.75 -11.96 -19.13
CA HIS A 96 14.19 -11.76 -19.38
C HIS A 96 14.52 -11.93 -20.87
N GLY A 97 15.28 -10.97 -21.41
CA GLY A 97 15.49 -10.88 -22.85
C GLY A 97 14.17 -10.51 -23.49
N SER A 98 13.64 -11.41 -24.32
CA SER A 98 12.21 -11.43 -24.67
C SER A 98 11.64 -12.86 -24.54
N GLU A 99 12.11 -13.59 -23.53
CA GLU A 99 11.50 -14.82 -23.04
C GLU A 99 10.73 -14.51 -21.71
N ALA A 100 9.90 -15.46 -21.28
CA ALA A 100 9.13 -15.33 -20.04
C ALA A 100 9.12 -16.66 -19.35
N ASP A 101 9.45 -16.68 -18.06
CA ASP A 101 9.29 -17.82 -17.21
C ASP A 101 8.07 -17.68 -16.35
N THR A 102 7.37 -18.79 -16.19
CA THR A 102 6.17 -18.85 -15.46
C THR A 102 6.49 -18.89 -13.96
N LEU A 103 6.03 -17.92 -13.21
CA LEU A 103 6.16 -17.97 -11.77
C LEU A 103 5.02 -18.75 -11.14
N ARG A 104 3.83 -18.60 -11.68
CA ARG A 104 2.70 -19.28 -11.11
C ARG A 104 1.51 -19.20 -12.05
N LYS A 105 0.68 -20.23 -12.02
CA LYS A 105 -0.53 -20.29 -12.81
C LYS A 105 -1.63 -20.09 -11.84
N VAL A 106 -2.57 -19.23 -12.22
CA VAL A 106 -3.66 -18.80 -11.35
C VAL A 106 -5.02 -18.96 -12.06
N LEU A 107 -5.94 -19.67 -11.41
CA LEU A 107 -7.31 -19.73 -11.87
C LEU A 107 -8.05 -18.72 -11.08
N VAL A 108 -8.61 -17.78 -11.83
CA VAL A 108 -9.52 -16.81 -11.32
C VAL A 108 -10.94 -17.40 -11.50
N GLU A 109 -11.66 -17.50 -10.38
CA GLU A 109 -13.06 -17.93 -10.30
C GLU A 109 -13.87 -16.81 -9.75
N VAL A 110 -15.06 -16.61 -10.31
CA VAL A 110 -15.92 -15.51 -9.97
C VAL A 110 -17.24 -16.02 -9.33
N LEU A 111 -17.48 -15.71 -8.05
CA LEU A 111 -18.67 -16.11 -7.31
C LEU A 111 -19.87 -15.24 -7.63
N ASP B 2 -28.70 -2.38 -7.70
CA ASP B 2 -27.31 -1.99 -7.30
C ASP B 2 -26.89 -2.81 -6.06
N THR B 3 -27.18 -2.30 -4.86
CA THR B 3 -26.34 -2.55 -3.63
C THR B 3 -25.42 -3.82 -3.51
N THR B 4 -24.10 -3.61 -3.40
CA THR B 4 -23.09 -4.68 -3.23
C THR B 4 -22.94 -5.07 -1.75
N VAL B 5 -22.56 -6.31 -1.50
CA VAL B 5 -22.50 -6.78 -0.14
C VAL B 5 -21.06 -7.11 0.21
N PHE B 6 -20.63 -6.67 1.40
CA PHE B 6 -19.29 -6.94 1.92
C PHE B 6 -19.48 -7.51 3.29
N GLN B 7 -18.85 -8.64 3.53
CA GLN B 7 -18.94 -9.37 4.72
C GLN B 7 -17.60 -9.33 5.23
N GLY B 8 -17.48 -9.23 6.54
CA GLY B 8 -16.19 -9.38 7.19
C GLY B 8 -16.36 -9.88 8.57
N VAL B 9 -15.27 -10.33 9.13
CA VAL B 9 -15.23 -10.91 10.43
C VAL B 9 -15.05 -9.84 11.51
N ALA B 10 -15.67 -10.08 12.66
CA ALA B 10 -15.69 -9.11 13.74
C ALA B 10 -14.33 -9.11 14.38
N GLY B 11 -13.87 -7.92 14.78
CA GLY B 11 -12.53 -7.76 15.34
C GLY B 11 -11.36 -7.77 14.34
N GLN B 12 -11.66 -7.72 13.04
CA GLN B 12 -10.67 -7.68 11.93
C GLN B 12 -11.05 -6.54 10.99
N SER B 13 -10.10 -6.16 10.15
CA SER B 13 -10.31 -5.06 9.28
C SER B 13 -11.06 -5.51 8.04
N LEU B 14 -12.02 -4.72 7.57
CA LEU B 14 -12.74 -5.00 6.41
C LEU B 14 -12.45 -3.95 5.32
N GLN B 15 -12.14 -4.39 4.11
CA GLN B 15 -11.84 -3.49 3.01
C GLN B 15 -12.99 -3.47 2.05
N VAL B 16 -13.58 -2.32 1.88
CA VAL B 16 -14.66 -2.14 0.94
C VAL B 16 -14.09 -1.43 -0.27
N SER B 17 -14.46 -1.86 -1.48
CA SER B 17 -13.97 -1.16 -2.71
C SER B 17 -15.15 -0.67 -3.53
N CYS B 18 -15.01 0.49 -4.16
CA CYS B 18 -16.02 1.08 -4.97
C CYS B 18 -15.38 1.51 -6.30
N PRO B 19 -15.72 0.80 -7.42
CA PRO B 19 -15.20 1.26 -8.70
C PRO B 19 -16.04 2.41 -9.19
N TYR B 20 -15.46 3.28 -9.97
CA TYR B 20 -16.18 4.37 -10.54
C TYR B 20 -15.50 4.75 -11.87
N ASP B 21 -16.17 5.57 -12.68
CA ASP B 21 -15.66 5.99 -13.98
C ASP B 21 -14.74 7.24 -13.77
N SER B 22 -13.48 7.11 -14.16
CA SER B 22 -12.44 8.09 -13.77
C SER B 22 -12.48 9.32 -14.59
N MET B 23 -13.09 9.24 -15.76
CA MET B 23 -13.36 10.41 -16.61
C MET B 23 -14.63 11.13 -16.14
N LYS B 24 -15.73 10.40 -16.06
CA LYS B 24 -16.95 10.98 -15.53
C LYS B 24 -16.72 11.68 -14.17
N HIS B 25 -15.97 11.09 -13.26
CA HIS B 25 -15.77 11.78 -11.96
C HIS B 25 -14.42 12.50 -11.79
N TRP B 26 -13.78 12.83 -12.90
CA TRP B 26 -12.48 13.48 -12.91
C TRP B 26 -12.57 14.72 -12.11
N GLY B 27 -11.59 14.93 -11.24
CA GLY B 27 -11.47 16.13 -10.49
C GLY B 27 -12.30 16.12 -9.24
N ARG B 28 -13.01 15.04 -8.96
CA ARG B 28 -13.91 15.14 -7.80
C ARG B 28 -13.49 14.41 -6.57
N ARG B 29 -13.76 15.02 -5.45
CA ARG B 29 -13.57 14.37 -4.18
C ARG B 29 -14.68 13.35 -3.95
N LYS B 30 -14.43 12.47 -3.01
CA LYS B 30 -15.32 11.39 -2.69
C LYS B 30 -15.53 11.32 -1.18
N ALA B 31 -16.53 10.53 -0.78
CA ALA B 31 -16.94 10.37 0.59
C ALA B 31 -17.61 9.06 0.77
N TRP B 32 -17.64 8.68 2.04
CA TRP B 32 -18.24 7.46 2.51
C TRP B 32 -19.24 7.85 3.59
N CYS B 33 -20.51 7.48 3.44
CA CYS B 33 -21.54 7.79 4.46
C CYS B 33 -22.43 6.64 4.81
N ARG B 34 -23.02 6.74 6.01
CA ARG B 34 -23.80 5.68 6.59
C ARG B 34 -25.28 6.10 6.53
N GLN B 35 -26.16 5.22 6.00
CA GLN B 35 -27.66 5.40 6.15
C GLN B 35 -27.99 5.20 7.61
N LEU B 36 -28.76 6.11 8.21
CA LEU B 36 -29.35 5.91 9.57
C LEU B 36 -30.85 5.53 9.53
N PRO B 41 -31.60 9.40 5.60
CA PRO B 41 -30.50 10.17 4.98
C PRO B 41 -29.07 9.66 5.33
N CYS B 42 -28.12 10.01 4.48
CA CYS B 42 -26.79 9.44 4.62
C CYS B 42 -25.88 10.46 5.31
N GLN B 43 -25.33 10.10 6.48
CA GLN B 43 -24.43 10.97 7.27
C GLN B 43 -22.98 10.73 6.90
N ARG B 44 -22.26 11.80 6.59
CA ARG B 44 -20.85 11.74 6.25
C ARG B 44 -20.08 10.98 7.31
N VAL B 45 -19.31 9.96 6.94
CA VAL B 45 -18.36 9.35 7.85
C VAL B 45 -16.99 10.00 7.51
N VAL B 46 -16.54 9.92 6.25
CA VAL B 46 -15.20 10.39 5.89
C VAL B 46 -15.10 10.80 4.44
N SER B 47 -14.28 11.81 4.17
CA SER B 47 -13.96 12.14 2.80
C SER B 47 -12.48 12.06 2.45
N THR B 48 -12.23 12.11 1.15
CA THR B 48 -10.90 12.13 0.58
C THR B 48 -10.31 13.51 0.73
N HIS B 49 -9.01 13.59 0.51
CA HIS B 49 -8.24 14.81 0.73
C HIS B 49 -8.88 15.97 -0.03
N ASN B 50 -8.94 17.15 0.60
CA ASN B 50 -9.45 18.37 -0.05
C ASN B 50 -8.74 18.81 -1.35
N LEU B 51 -7.46 18.52 -1.41
CA LEU B 51 -6.66 18.62 -2.64
C LEU B 51 -6.78 17.32 -3.41
N TRP B 52 -7.43 17.39 -4.57
CA TRP B 52 -7.73 16.25 -5.39
C TRP B 52 -6.46 15.46 -5.82
N LEU B 53 -5.38 16.17 -6.13
CA LEU B 53 -4.11 15.52 -6.49
C LEU B 53 -3.42 14.71 -5.36
N LEU B 54 -3.92 14.81 -4.15
CA LEU B 54 -3.39 14.04 -3.08
C LEU B 54 -4.53 13.10 -2.55
N SER B 55 -5.45 12.67 -3.44
CA SER B 55 -6.50 11.77 -3.05
C SER B 55 -6.01 10.45 -2.59
N PHE B 56 -4.81 10.05 -3.03
CA PHE B 56 -4.23 8.80 -2.60
C PHE B 56 -3.84 8.84 -1.15
N LEU B 57 -3.83 10.00 -0.51
CA LEU B 57 -3.40 9.96 0.89
C LEU B 57 -4.50 9.43 1.77
N ARG B 58 -4.18 8.41 2.56
CA ARG B 58 -5.13 7.90 3.52
C ARG B 58 -5.62 8.88 4.59
N ARG B 59 -6.95 9.11 4.68
CA ARG B 59 -7.53 9.90 5.75
C ARG B 59 -8.38 9.04 6.69
N TRP B 60 -8.20 9.26 8.00
CA TRP B 60 -8.97 8.60 9.02
C TRP B 60 -10.03 9.47 9.63
N ASN B 61 -11.11 8.84 10.06
CA ASN B 61 -12.03 9.43 11.02
C ASN B 61 -12.53 8.31 11.89
N GLY B 62 -12.11 8.36 13.14
CA GLY B 62 -12.28 7.24 14.07
C GLY B 62 -11.76 5.95 13.49
N SER B 63 -12.60 4.92 13.45
CA SER B 63 -12.22 3.62 12.96
C SER B 63 -12.48 3.43 11.46
N THR B 64 -12.74 4.50 10.70
CA THR B 64 -12.87 4.39 9.25
C THR B 64 -11.82 5.18 8.50
N ALA B 65 -11.20 4.56 7.50
CA ALA B 65 -10.26 5.24 6.60
C ALA B 65 -10.74 5.18 5.15
N ILE B 66 -10.24 6.12 4.38
CA ILE B 66 -10.54 6.20 2.97
C ILE B 66 -9.29 6.67 2.15
N THR B 67 -9.14 6.11 0.96
CA THR B 67 -8.15 6.53 0.04
C THR B 67 -8.75 6.26 -1.34
N ASP B 68 -8.33 7.08 -2.29
CA ASP B 68 -8.82 7.12 -3.65
C ASP B 68 -7.68 6.92 -4.65
N ASP B 69 -7.87 6.02 -5.61
CA ASP B 69 -6.99 5.86 -6.71
C ASP B 69 -7.72 6.47 -7.90
N THR B 70 -7.44 7.71 -8.18
CA THR B 70 -8.22 8.40 -9.21
C THR B 70 -7.86 8.03 -10.60
N LEU B 71 -6.72 7.36 -10.75
CA LEU B 71 -6.27 6.98 -12.07
C LEU B 71 -6.97 5.68 -12.42
N GLY B 72 -6.95 4.69 -11.53
CA GLY B 72 -7.67 3.45 -11.74
C GLY B 72 -9.17 3.53 -11.54
N GLY B 73 -9.69 4.59 -10.93
CA GLY B 73 -11.13 4.65 -10.66
C GLY B 73 -11.57 3.70 -9.58
N THR B 74 -10.86 3.70 -8.44
CA THR B 74 -11.23 2.90 -7.28
C THR B 74 -11.06 3.63 -6.00
N LEU B 75 -12.07 3.53 -5.14
CA LEU B 75 -12.14 4.23 -3.85
C LEU B 75 -12.13 3.13 -2.87
N THR B 76 -11.19 3.16 -1.96
CA THR B 76 -11.07 2.14 -0.99
C THR B 76 -11.38 2.68 0.41
N ILE B 77 -12.18 1.96 1.17
CA ILE B 77 -12.60 2.33 2.49
C ILE B 77 -12.30 1.16 3.36
N THR B 78 -11.62 1.44 4.47
CA THR B 78 -11.24 0.45 5.43
C THR B 78 -12.08 0.64 6.71
N LEU B 79 -12.77 -0.41 7.17
CA LEU B 79 -13.46 -0.43 8.47
C LEU B 79 -12.61 -1.22 9.37
N ARG B 80 -11.90 -0.51 10.27
CA ARG B 80 -10.98 -1.12 11.17
C ARG B 80 -11.73 -1.75 12.35
N ASN B 81 -11.29 -2.91 12.82
CA ASN B 81 -11.83 -3.57 14.03
C ASN B 81 -13.36 -3.65 13.92
N LEU B 82 -13.80 -4.22 12.81
CA LEU B 82 -15.23 -4.30 12.44
C LEU B 82 -16.08 -4.83 13.61
N GLN B 83 -17.13 -4.14 13.96
CA GLN B 83 -17.96 -4.53 15.12
C GLN B 83 -19.36 -4.77 14.56
N PRO B 84 -20.17 -5.70 15.19
CA PRO B 84 -21.58 -5.87 14.78
C PRO B 84 -22.38 -4.56 14.67
N HIS B 85 -22.05 -3.55 15.44
CA HIS B 85 -22.72 -2.24 15.27
C HIS B 85 -22.38 -1.54 13.93
N ASP B 86 -21.32 -1.99 13.23
CA ASP B 86 -20.99 -1.43 11.94
C ASP B 86 -21.91 -1.93 10.86
N ALA B 87 -22.67 -3.01 11.11
CA ALA B 87 -23.55 -3.61 10.06
C ALA B 87 -24.56 -2.63 9.58
N GLY B 88 -24.88 -2.66 8.29
CA GLY B 88 -25.75 -1.63 7.80
C GLY B 88 -25.48 -1.20 6.40
N LEU B 89 -26.04 -0.05 6.05
CA LEU B 89 -26.05 0.44 4.71
C LEU B 89 -25.25 1.74 4.64
N TYR B 90 -24.49 1.84 3.54
CA TYR B 90 -23.55 2.90 3.36
C TYR B 90 -23.53 3.26 1.89
N GLN B 91 -23.07 4.48 1.59
CA GLN B 91 -22.81 4.88 0.21
C GLN B 91 -21.38 5.41 0.00
N CYS B 92 -20.85 5.11 -1.20
CA CYS B 92 -19.67 5.75 -1.76
C CYS B 92 -20.25 6.83 -2.59
N GLN B 93 -19.72 8.04 -2.48
CA GLN B 93 -20.21 9.18 -3.27
C GLN B 93 -19.10 10.05 -3.94
N SER B 94 -19.47 10.77 -4.98
CA SER B 94 -18.65 11.67 -5.67
C SER B 94 -19.25 13.03 -5.39
N LEU B 95 -18.42 13.98 -4.97
CA LEU B 95 -18.86 15.32 -4.56
C LEU B 95 -18.62 16.36 -5.66
N HIS B 96 -19.63 17.17 -5.94
CA HIS B 96 -19.46 18.35 -6.84
C HIS B 96 -20.38 19.47 -6.37
N GLY B 97 -19.80 20.64 -6.08
CA GLY B 97 -20.46 21.68 -5.24
C GLY B 97 -21.10 21.11 -3.97
N SER B 98 -22.39 21.38 -3.81
CA SER B 98 -23.22 20.84 -2.73
C SER B 98 -23.82 19.43 -3.05
N GLU B 99 -23.79 19.00 -4.31
CA GLU B 99 -24.36 17.70 -4.70
C GLU B 99 -23.40 16.50 -4.44
N ALA B 100 -24.00 15.34 -4.15
CA ALA B 100 -23.31 14.05 -3.91
C ALA B 100 -23.97 13.00 -4.77
N ASP B 101 -23.27 12.52 -5.79
CA ASP B 101 -23.76 11.42 -6.59
C ASP B 101 -23.34 10.14 -5.92
N THR B 102 -24.26 9.21 -5.82
CA THR B 102 -24.00 7.89 -5.31
C THR B 102 -23.19 7.06 -6.31
N LEU B 103 -22.04 6.55 -5.90
CA LEU B 103 -21.19 5.70 -6.73
C LEU B 103 -21.64 4.29 -6.55
N ARG B 104 -21.93 3.93 -5.31
CA ARG B 104 -22.37 2.63 -4.99
C ARG B 104 -23.00 2.65 -3.63
N LYS B 105 -24.01 1.80 -3.45
CA LYS B 105 -24.64 1.52 -2.16
C LYS B 105 -24.04 0.22 -1.77
N VAL B 106 -23.80 0.06 -0.46
CA VAL B 106 -23.06 -1.05 0.08
C VAL B 106 -23.79 -1.48 1.33
N LEU B 107 -23.84 -2.79 1.55
CA LEU B 107 -24.33 -3.36 2.76
C LEU B 107 -23.15 -4.07 3.42
N VAL B 108 -22.92 -3.78 4.68
CA VAL B 108 -21.85 -4.37 5.42
C VAL B 108 -22.49 -5.38 6.36
N GLU B 109 -22.10 -6.64 6.24
CA GLU B 109 -22.49 -7.67 7.17
C GLU B 109 -21.27 -8.06 7.95
N VAL B 110 -21.50 -8.40 9.22
CA VAL B 110 -20.51 -8.88 10.17
C VAL B 110 -20.74 -10.34 10.60
N LEU B 111 -19.69 -11.08 10.97
CA LEU B 111 -19.78 -12.51 11.32
C LEU B 111 -18.93 -12.89 12.55
N ALA B 112 -19.14 -14.13 13.02
CA ALA B 112 -18.36 -14.74 14.14
C ALA B 112 -16.86 -14.86 13.87
N THR C 3 -9.10 -14.34 21.67
CA THR C 3 -7.88 -14.81 20.92
C THR C 3 -8.24 -15.19 19.46
N THR C 4 -8.02 -14.30 18.50
CA THR C 4 -8.70 -14.34 17.17
C THR C 4 -8.19 -15.43 16.20
N VAL C 5 -9.06 -15.83 15.28
CA VAL C 5 -8.71 -16.81 14.27
C VAL C 5 -8.54 -16.15 12.91
N PHE C 6 -7.39 -16.37 12.30
CA PHE C 6 -7.13 -15.97 10.95
C PHE C 6 -6.89 -17.21 10.13
N GLN C 7 -7.69 -17.33 9.10
CA GLN C 7 -7.75 -18.49 8.25
C GLN C 7 -7.22 -18.10 6.94
N GLY C 8 -6.28 -18.85 6.41
CA GLY C 8 -5.83 -18.57 5.07
C GLY C 8 -5.69 -19.76 4.17
N VAL C 9 -5.71 -19.49 2.89
CA VAL C 9 -5.53 -20.48 1.84
C VAL C 9 -4.05 -20.76 1.65
N ALA C 10 -3.67 -22.03 1.53
CA ALA C 10 -2.25 -22.37 1.43
C ALA C 10 -1.70 -21.93 0.09
N GLY C 11 -0.42 -21.54 0.08
CA GLY C 11 0.18 -20.95 -1.09
C GLY C 11 -0.25 -19.51 -1.38
N GLN C 12 -1.07 -18.88 -0.54
CA GLN C 12 -1.49 -17.47 -0.75
C GLN C 12 -1.02 -16.61 0.44
N SER C 13 -1.07 -15.31 0.27
CA SER C 13 -0.62 -14.43 1.33
C SER C 13 -1.80 -14.23 2.27
N LEU C 14 -1.55 -14.41 3.56
CA LEU C 14 -2.53 -14.20 4.57
C LEU C 14 -2.23 -12.89 5.30
N GLN C 15 -3.20 -11.98 5.37
CA GLN C 15 -3.09 -10.75 6.14
C GLN C 15 -3.65 -10.84 7.55
N VAL C 16 -2.81 -10.65 8.57
CA VAL C 16 -3.26 -10.52 9.94
C VAL C 16 -3.27 -9.04 10.39
N SER C 17 -4.40 -8.56 10.91
CA SER C 17 -4.57 -7.18 11.35
C SER C 17 -4.76 -7.17 12.88
N CYS C 18 -4.07 -6.28 13.59
CA CYS C 18 -4.14 -6.12 15.07
C CYS C 18 -4.49 -4.66 15.39
N PRO C 19 -5.76 -4.38 15.77
CA PRO C 19 -6.14 -3.04 16.19
C PRO C 19 -5.54 -2.75 17.58
N TYR C 20 -5.13 -1.50 17.85
CA TYR C 20 -4.63 -1.13 19.18
C TYR C 20 -4.95 0.32 19.43
N ASP C 21 -4.88 0.70 20.69
CA ASP C 21 -5.21 2.05 21.16
C ASP C 21 -4.02 2.93 20.79
N SER C 22 -4.19 3.84 19.84
CA SER C 22 -3.00 4.60 19.34
C SER C 22 -2.47 5.65 20.34
N MET C 23 -3.26 6.09 21.30
CA MET C 23 -2.75 6.97 22.33
C MET C 23 -2.04 6.17 23.40
N LYS C 24 -2.67 5.12 23.87
CA LYS C 24 -2.02 4.28 24.89
C LYS C 24 -0.66 3.69 24.47
N HIS C 25 -0.54 3.33 23.19
CA HIS C 25 0.74 2.79 22.68
C HIS C 25 1.55 3.75 21.83
N TRP C 26 1.23 5.03 21.90
CA TRP C 26 2.03 6.10 21.33
C TRP C 26 3.50 5.90 21.47
N GLY C 27 4.22 6.08 20.36
CA GLY C 27 5.64 6.00 20.30
C GLY C 27 6.23 4.63 20.41
N ARG C 28 5.42 3.58 20.48
CA ARG C 28 6.00 2.24 20.67
C ARG C 28 6.07 1.40 19.37
N ARG C 29 7.24 0.83 19.17
CA ARG C 29 7.48 -0.23 18.23
C ARG C 29 6.64 -1.43 18.53
N LYS C 30 6.29 -2.17 17.45
CA LYS C 30 5.53 -3.42 17.58
C LYS C 30 6.30 -4.64 17.05
N ALA C 31 5.86 -5.83 17.46
CA ALA C 31 6.42 -7.06 16.99
C ALA C 31 5.40 -8.18 16.83
N TRP C 32 5.83 -9.14 16.02
CA TRP C 32 5.06 -10.32 15.78
C TRP C 32 5.90 -11.50 16.26
N CYS C 33 5.32 -12.39 17.07
CA CYS C 33 6.05 -13.64 17.47
C CYS C 33 5.19 -14.88 17.53
N ARG C 34 5.89 -16.01 17.48
CA ARG C 34 5.23 -17.29 17.33
C ARG C 34 5.43 -18.05 18.64
N GLN C 35 4.36 -18.52 19.29
CA GLN C 35 4.49 -19.41 20.49
C GLN C 35 5.07 -20.75 20.09
N LEU C 36 6.22 -21.10 20.65
CA LEU C 36 6.95 -22.33 20.28
C LEU C 36 6.76 -23.43 21.32
N GLY C 40 5.19 -22.87 24.75
CA GLY C 40 6.46 -22.46 25.33
C GLY C 40 6.60 -20.94 25.41
N PRO C 41 7.82 -20.42 25.13
CA PRO C 41 7.97 -18.95 24.97
C PRO C 41 7.53 -18.42 23.58
N CYS C 42 7.17 -17.14 23.54
CA CYS C 42 6.74 -16.47 22.31
C CYS C 42 7.96 -15.87 21.66
N GLN C 43 8.45 -16.46 20.56
CA GLN C 43 9.73 -16.07 19.96
C GLN C 43 9.59 -15.07 18.74
N ARG C 44 10.47 -14.08 18.73
CA ARG C 44 10.40 -12.93 17.83
C ARG C 44 10.50 -13.38 16.34
N VAL C 45 9.51 -13.03 15.53
CA VAL C 45 9.59 -13.23 14.07
C VAL C 45 10.02 -11.91 13.38
N VAL C 46 9.35 -10.77 13.67
CA VAL C 46 9.65 -9.54 12.96
C VAL C 46 9.10 -8.38 13.76
N SER C 47 9.74 -7.23 13.60
CA SER C 47 9.31 -6.04 14.29
C SER C 47 9.26 -4.84 13.38
N THR C 48 8.55 -3.83 13.81
CA THR C 48 8.40 -2.63 13.00
C THR C 48 9.71 -1.83 12.95
N HIS C 49 9.76 -0.85 12.06
CA HIS C 49 10.98 -0.04 11.91
C HIS C 49 11.48 0.46 13.28
N ASN C 50 12.76 0.44 13.51
CA ASN C 50 13.32 1.03 14.74
C ASN C 50 12.99 2.53 14.93
N LEU C 51 12.87 3.27 13.85
CA LEU C 51 12.35 4.66 13.88
C LEU C 51 10.84 4.67 13.79
N TRP C 52 10.21 4.99 14.91
CA TRP C 52 8.78 4.94 15.03
C TRP C 52 8.06 5.82 13.97
N LEU C 53 8.64 6.95 13.58
CA LEU C 53 8.00 7.76 12.55
C LEU C 53 8.03 7.09 11.15
N LEU C 54 8.80 6.01 10.95
CA LEU C 54 8.83 5.26 9.71
C LEU C 54 8.22 3.89 9.84
N SER C 55 7.30 3.72 10.80
CA SER C 55 6.66 2.45 11.09
C SER C 55 5.79 1.93 9.95
N PHE C 56 5.34 2.85 9.09
CA PHE C 56 4.55 2.53 7.96
C PHE C 56 5.37 1.75 6.96
N LEU C 57 6.70 1.68 7.11
CA LEU C 57 7.55 1.02 6.07
C LEU C 57 7.59 -0.47 6.33
N ARG C 58 7.33 -1.22 5.30
CA ARG C 58 7.24 -2.64 5.38
C ARG C 58 8.55 -3.25 5.72
N ARG C 59 8.60 -4.14 6.73
CA ARG C 59 9.87 -4.83 7.04
C ARG C 59 9.58 -6.30 6.93
N TRP C 60 10.54 -7.01 6.36
CA TRP C 60 10.41 -8.39 6.07
C TRP C 60 11.34 -9.15 6.95
N ASN C 61 10.92 -10.36 7.29
CA ASN C 61 11.85 -11.41 7.77
C ASN C 61 11.47 -12.79 7.23
N GLY C 62 12.26 -13.31 6.30
CA GLY C 62 11.86 -14.45 5.48
C GLY C 62 10.49 -14.19 4.83
N SER C 63 9.52 -15.03 5.11
CA SER C 63 8.19 -14.96 4.48
C SER C 63 7.14 -14.24 5.39
N THR C 64 7.60 -13.43 6.36
CA THR C 64 6.72 -12.57 7.11
C THR C 64 7.11 -11.08 7.01
N ALA C 65 6.11 -10.24 6.85
CA ALA C 65 6.26 -8.81 6.77
C ALA C 65 5.37 -8.15 7.78
N ILE C 66 5.76 -6.94 8.17
CA ILE C 66 5.01 -6.15 9.14
C ILE C 66 5.03 -4.68 8.70
N THR C 67 3.92 -4.01 8.93
CA THR C 67 3.77 -2.57 8.70
C THR C 67 2.83 -2.06 9.77
N ASP C 68 2.96 -0.79 10.17
CA ASP C 68 2.16 -0.23 11.29
C ASP C 68 1.60 1.09 10.85
N ASP C 69 0.30 1.26 11.03
CA ASP C 69 -0.32 2.54 10.86
C ASP C 69 -0.64 3.09 12.24
N THR C 70 0.23 4.00 12.69
CA THR C 70 0.22 4.44 14.10
C THR C 70 -0.85 5.49 14.33
N LEU C 71 -1.30 6.12 13.27
CA LEU C 71 -2.34 7.09 13.41
C LEU C 71 -3.65 6.33 13.61
N GLY C 72 -3.97 5.43 12.69
CA GLY C 72 -5.20 4.65 12.79
C GLY C 72 -5.15 3.56 13.85
N GLY C 73 -3.98 3.20 14.33
CA GLY C 73 -3.93 2.21 15.40
C GLY C 73 -4.24 0.83 14.87
N THR C 74 -3.52 0.42 13.82
CA THR C 74 -3.63 -0.89 13.19
C THR C 74 -2.30 -1.38 12.76
N LEU C 75 -2.01 -2.60 13.15
CA LEU C 75 -0.75 -3.25 12.78
C LEU C 75 -1.16 -4.37 11.82
N THR C 76 -0.47 -4.50 10.71
CA THR C 76 -0.72 -5.56 9.73
C THR C 76 0.51 -6.44 9.57
N ILE C 77 0.29 -7.76 9.63
CA ILE C 77 1.31 -8.78 9.36
C ILE C 77 0.85 -9.54 8.11
N THR C 78 1.79 -9.78 7.19
CA THR C 78 1.58 -10.57 6.00
C THR C 78 2.38 -11.85 6.13
N LEU C 79 1.70 -12.98 6.13
CA LEU C 79 2.39 -14.30 6.01
C LEU C 79 2.37 -14.62 4.53
N ARG C 80 3.51 -14.45 3.86
CA ARG C 80 3.64 -14.71 2.46
C ARG C 80 3.53 -16.27 2.15
N ASN C 81 2.87 -16.68 1.08
CA ASN C 81 3.00 -18.06 0.65
C ASN C 81 2.72 -19.05 1.82
N LEU C 82 1.52 -18.96 2.38
CA LEU C 82 1.20 -19.59 3.61
C LEU C 82 1.27 -21.12 3.46
N GLN C 83 1.92 -21.78 4.40
CA GLN C 83 2.17 -23.22 4.34
C GLN C 83 1.61 -23.85 5.57
N PRO C 84 1.23 -25.15 5.46
CA PRO C 84 0.63 -25.80 6.62
C PRO C 84 1.49 -25.76 7.86
N HIS C 85 2.80 -25.90 7.75
CA HIS C 85 3.71 -25.60 8.88
C HIS C 85 3.62 -24.17 9.55
N ASP C 86 2.95 -23.19 8.95
CA ASP C 86 2.74 -21.86 9.59
C ASP C 86 1.58 -21.84 10.56
N ALA C 87 0.72 -22.88 10.57
CA ALA C 87 -0.45 -22.88 11.52
C ALA C 87 0.02 -22.93 12.97
N GLY C 88 -0.70 -22.26 13.85
CA GLY C 88 -0.20 -22.17 15.23
C GLY C 88 -0.58 -20.88 15.90
N LEU C 89 -0.02 -20.68 17.08
CA LEU C 89 -0.38 -19.54 17.92
C LEU C 89 0.66 -18.45 17.79
N TYR C 90 0.20 -17.20 17.67
CA TYR C 90 1.15 -16.09 17.53
C TYR C 90 0.67 -14.90 18.33
N GLN C 91 1.54 -13.93 18.54
CA GLN C 91 1.15 -12.68 19.18
C GLN C 91 1.60 -11.43 18.48
N CYS C 92 0.70 -10.46 18.39
CA CYS C 92 1.03 -9.04 18.19
C CYS C 92 1.46 -8.46 19.52
N GLN C 93 2.58 -7.76 19.56
CA GLN C 93 3.01 -7.12 20.79
C GLN C 93 3.45 -5.68 20.59
N SER C 94 3.34 -4.90 21.67
CA SER C 94 3.75 -3.52 21.78
C SER C 94 5.02 -3.50 22.62
N LEU C 95 6.13 -3.00 22.11
CA LEU C 95 7.43 -3.00 22.84
C LEU C 95 7.64 -1.75 23.69
N HIS C 96 8.18 -1.92 24.89
CA HIS C 96 8.57 -0.78 25.72
C HIS C 96 9.55 -1.20 26.79
N GLY C 97 10.76 -0.62 26.72
CA GLY C 97 11.85 -0.91 27.63
C GLY C 97 12.42 -2.24 27.23
N SER C 98 12.42 -3.18 28.16
CA SER C 98 12.66 -4.58 27.85
C SER C 98 11.35 -5.39 27.92
N GLU C 99 10.21 -4.74 28.13
CA GLU C 99 8.91 -5.41 28.20
C GLU C 99 8.15 -5.49 26.83
N ALA C 100 7.18 -6.39 26.77
CA ALA C 100 6.34 -6.58 25.60
C ALA C 100 4.92 -6.87 26.09
N ASP C 101 3.95 -6.09 25.66
CA ASP C 101 2.57 -6.29 26.01
C ASP C 101 1.83 -6.85 24.85
N THR C 102 0.88 -7.70 25.15
CA THR C 102 0.12 -8.42 24.15
C THR C 102 -0.99 -7.54 23.68
N LEU C 103 -0.98 -7.28 22.38
CA LEU C 103 -2.10 -6.55 21.76
C LEU C 103 -3.15 -7.55 21.32
N ARG C 104 -2.72 -8.72 20.87
CA ARG C 104 -3.65 -9.73 20.31
C ARG C 104 -2.94 -11.05 20.15
N LYS C 105 -3.73 -12.10 20.36
CA LYS C 105 -3.25 -13.47 20.32
C LYS C 105 -3.94 -13.99 19.09
N VAL C 106 -3.18 -14.55 18.15
CA VAL C 106 -3.76 -15.01 16.89
C VAL C 106 -3.49 -16.48 16.72
N LEU C 107 -4.54 -17.19 16.37
CA LEU C 107 -4.43 -18.52 15.85
C LEU C 107 -4.47 -18.45 14.33
N VAL C 108 -3.43 -18.97 13.72
CA VAL C 108 -3.43 -19.11 12.26
C VAL C 108 -3.83 -20.53 11.82
N GLU C 109 -4.79 -20.60 10.90
CA GLU C 109 -5.14 -21.85 10.23
C GLU C 109 -5.04 -21.80 8.70
N VAL C 110 -4.52 -22.90 8.17
CA VAL C 110 -4.18 -23.08 6.78
C VAL C 110 -5.16 -24.07 6.14
N LEU C 111 -5.95 -23.59 5.20
CA LEU C 111 -6.91 -24.45 4.55
C LEU C 111 -6.22 -25.38 3.51
N ALA C 112 -6.33 -25.11 2.20
CA ALA C 112 -5.93 -26.11 1.17
C ALA C 112 -6.21 -25.59 -0.25
N THR D 3 -5.81 -0.75 -37.48
CA THR D 3 -7.01 0.08 -37.20
C THR D 3 -7.87 -0.58 -36.12
N THR D 4 -8.50 0.23 -35.27
CA THR D 4 -9.39 -0.29 -34.22
C THR D 4 -10.67 0.53 -34.16
N VAL D 5 -11.75 -0.18 -33.90
CA VAL D 5 -13.07 0.37 -33.97
C VAL D 5 -13.50 0.59 -32.56
N PHE D 6 -13.92 1.80 -32.25
CA PHE D 6 -14.57 2.08 -30.98
C PHE D 6 -15.98 2.54 -31.35
N GLN D 7 -16.97 1.85 -30.82
CA GLN D 7 -18.35 2.19 -31.11
C GLN D 7 -19.05 2.63 -29.84
N GLY D 8 -19.76 3.76 -29.90
CA GLY D 8 -20.56 4.27 -28.79
C GLY D 8 -21.95 4.69 -29.24
N VAL D 9 -22.94 4.46 -28.39
CA VAL D 9 -24.31 4.97 -28.56
C VAL D 9 -24.42 6.52 -28.60
N ALA D 10 -25.25 7.04 -29.51
CA ALA D 10 -25.45 8.49 -29.66
C ALA D 10 -25.79 9.15 -28.34
N GLY D 11 -25.30 10.37 -28.13
CA GLY D 11 -25.64 11.16 -26.94
C GLY D 11 -24.82 10.90 -25.67
N GLN D 12 -24.29 9.68 -25.50
CA GLN D 12 -23.38 9.37 -24.39
C GLN D 12 -21.90 9.58 -24.71
N SER D 13 -21.11 9.69 -23.64
CA SER D 13 -19.65 9.86 -23.76
C SER D 13 -19.07 8.60 -24.31
N LEU D 14 -18.21 8.70 -25.34
CA LEU D 14 -17.36 7.60 -25.79
C LEU D 14 -15.85 7.81 -25.34
N GLN D 15 -15.26 6.74 -24.83
CA GLN D 15 -13.91 6.73 -24.32
C GLN D 15 -13.07 5.87 -25.20
N VAL D 16 -12.09 6.50 -25.82
CA VAL D 16 -11.14 5.82 -26.66
C VAL D 16 -9.82 5.77 -25.87
N SER D 17 -9.24 4.58 -25.72
CA SER D 17 -7.92 4.40 -25.14
C SER D 17 -6.87 4.09 -26.21
N CYS D 18 -5.66 4.67 -26.07
CA CYS D 18 -4.51 4.40 -26.95
C CYS D 18 -3.31 4.02 -26.08
N PRO D 19 -2.98 2.71 -26.01
CA PRO D 19 -1.74 2.23 -25.37
C PRO D 19 -0.51 2.62 -26.09
N TYR D 20 0.57 2.77 -25.35
CA TYR D 20 1.86 3.03 -25.95
C TYR D 20 2.97 2.65 -25.00
N ASP D 21 4.16 2.40 -25.53
CA ASP D 21 5.32 2.10 -24.70
C ASP D 21 5.78 3.41 -24.02
N SER D 22 5.61 3.45 -22.69
CA SER D 22 5.91 4.65 -21.93
C SER D 22 7.36 5.05 -21.89
N MET D 23 8.29 4.10 -21.98
CA MET D 23 9.73 4.39 -22.09
C MET D 23 10.09 5.04 -23.45
N LYS D 24 9.61 4.44 -24.52
CA LYS D 24 9.87 4.93 -25.88
C LYS D 24 9.35 6.33 -26.11
N HIS D 25 8.18 6.62 -25.59
CA HIS D 25 7.57 7.94 -25.74
C HIS D 25 7.73 8.90 -24.55
N TRP D 26 8.68 8.58 -23.68
CA TRP D 26 8.93 9.41 -22.54
C TRP D 26 9.25 10.82 -22.99
N GLY D 27 8.65 11.77 -22.32
CA GLY D 27 8.92 13.17 -22.62
C GLY D 27 8.12 13.78 -23.76
N ARG D 28 7.27 13.01 -24.41
CA ARG D 28 6.56 13.47 -25.59
C ARG D 28 5.05 13.68 -25.35
N ARG D 29 4.59 14.81 -25.87
CA ARG D 29 3.19 15.16 -25.89
C ARG D 29 2.44 14.30 -26.95
N LYS D 30 1.13 14.16 -26.79
CA LYS D 30 0.34 13.34 -27.67
C LYS D 30 -0.73 14.23 -28.29
N ALA D 31 -1.35 13.71 -29.34
CA ALA D 31 -2.47 14.44 -30.00
C ALA D 31 -3.49 13.52 -30.56
N TRP D 32 -4.70 14.02 -30.59
CA TRP D 32 -5.85 13.37 -31.23
C TRP D 32 -6.14 14.18 -32.43
N CYS D 33 -6.09 13.55 -33.58
CA CYS D 33 -6.41 14.23 -34.85
C CYS D 33 -7.33 13.40 -35.77
N ARG D 34 -8.07 14.09 -36.63
CA ARG D 34 -9.18 13.50 -37.40
C ARG D 34 -8.81 13.54 -38.83
N GLN D 35 -8.97 12.43 -39.57
CA GLN D 35 -8.64 12.40 -41.05
C GLN D 35 -9.77 12.96 -41.92
N LEU D 36 -9.53 13.25 -43.19
CA LEU D 36 -10.57 13.83 -44.07
C LEU D 36 -11.34 12.76 -44.85
N PRO D 41 -5.13 13.61 -45.29
CA PRO D 41 -4.72 14.67 -44.36
C PRO D 41 -5.44 14.55 -43.00
N CYS D 42 -4.73 14.83 -41.90
CA CYS D 42 -5.28 14.68 -40.54
C CYS D 42 -5.33 16.00 -39.76
N GLN D 43 -6.51 16.53 -39.46
CA GLN D 43 -6.64 17.83 -38.75
C GLN D 43 -6.55 17.61 -37.22
N ARG D 44 -5.62 18.33 -36.59
CA ARG D 44 -5.44 18.26 -35.15
C ARG D 44 -6.65 18.81 -34.46
N VAL D 45 -7.10 18.07 -33.45
CA VAL D 45 -8.27 18.43 -32.63
C VAL D 45 -7.88 18.91 -31.23
N VAL D 46 -6.95 18.18 -30.58
CA VAL D 46 -6.58 18.47 -29.18
C VAL D 46 -5.26 17.76 -28.87
N SER D 47 -4.42 18.45 -28.12
CA SER D 47 -3.17 17.86 -27.64
C SER D 47 -3.09 17.90 -26.12
N THR D 48 -2.25 17.03 -25.57
CA THR D 48 -1.93 17.00 -24.13
C THR D 48 -1.21 18.27 -23.76
N HIS D 49 -1.11 18.50 -22.45
CA HIS D 49 -0.65 19.77 -21.91
C HIS D 49 0.75 20.10 -22.41
N ASN D 50 1.01 21.38 -22.61
CA ASN D 50 2.38 21.75 -23.05
C ASN D 50 3.48 21.35 -22.04
N LEU D 51 3.15 21.25 -20.76
CA LEU D 51 4.11 20.77 -19.76
C LEU D 51 3.86 19.30 -19.59
N TRP D 52 4.82 18.49 -20.02
CA TRP D 52 4.70 17.05 -20.09
C TRP D 52 4.49 16.45 -18.67
N LEU D 53 5.08 17.07 -17.64
CA LEU D 53 4.89 16.56 -16.29
C LEU D 53 3.44 16.74 -15.88
N LEU D 54 2.68 17.57 -16.61
CA LEU D 54 1.24 17.77 -16.37
C LEU D 54 0.36 17.06 -17.43
N SER D 55 0.88 16.01 -18.05
CA SER D 55 0.14 15.26 -19.05
C SER D 55 -1.14 14.65 -18.56
N PHE D 56 -1.23 14.38 -17.26
CA PHE D 56 -2.49 13.85 -16.67
C PHE D 56 -3.63 14.90 -16.78
N LEU D 57 -3.33 16.14 -17.14
CA LEU D 57 -4.35 17.18 -17.12
C LEU D 57 -5.34 17.02 -18.29
N ARG D 58 -6.63 16.98 -17.99
CA ARG D 58 -7.63 16.73 -19.02
C ARG D 58 -7.66 18.00 -19.88
N ARG D 59 -7.27 17.93 -21.15
CA ARG D 59 -7.30 19.13 -22.03
C ARG D 59 -8.53 19.02 -22.93
N TRP D 60 -9.08 20.17 -23.33
CA TRP D 60 -10.31 20.20 -24.14
C TRP D 60 -10.18 20.93 -25.43
N ASN D 61 -11.07 20.57 -26.35
CA ASN D 61 -11.42 21.38 -27.50
C ASN D 61 -12.89 21.00 -27.83
N GLY D 62 -13.80 21.91 -27.46
CA GLY D 62 -15.22 21.66 -27.60
C GLY D 62 -15.70 20.55 -26.69
N SER D 63 -16.08 19.41 -27.24
CA SER D 63 -16.60 18.27 -26.45
C SER D 63 -15.68 17.03 -26.57
N THR D 64 -14.46 17.28 -27.04
CA THR D 64 -13.42 16.27 -27.07
C THR D 64 -12.42 16.59 -25.91
N ALA D 65 -12.21 15.61 -25.03
CA ALA D 65 -11.14 15.70 -24.01
C ALA D 65 -9.98 14.73 -24.31
N ILE D 66 -8.77 15.18 -23.98
CA ILE D 66 -7.58 14.31 -23.93
C ILE D 66 -6.89 14.28 -22.54
N THR D 67 -6.55 13.07 -22.09
CA THR D 67 -5.71 12.88 -20.91
C THR D 67 -4.76 11.71 -21.08
N ASP D 68 -3.56 11.82 -20.52
CA ASP D 68 -2.50 10.85 -20.74
C ASP D 68 -1.99 10.31 -19.40
N ASP D 69 -1.84 9.00 -19.30
CA ASP D 69 -1.14 8.32 -18.24
C ASP D 69 0.22 7.88 -18.75
N THR D 70 1.23 8.68 -18.41
CA THR D 70 2.56 8.52 -18.91
C THR D 70 3.36 7.42 -18.18
N LEU D 71 2.87 6.95 -17.05
CA LEU D 71 3.46 5.85 -16.35
C LEU D 71 3.01 4.51 -16.95
N GLY D 72 1.70 4.34 -17.03
CA GLY D 72 1.18 3.13 -17.67
C GLY D 72 1.30 3.11 -19.18
N GLY D 73 1.48 4.26 -19.82
CA GLY D 73 1.46 4.30 -21.30
C GLY D 73 0.02 4.18 -21.90
N THR D 74 -0.96 4.88 -21.33
CA THR D 74 -2.35 4.83 -21.83
C THR D 74 -2.80 6.25 -22.11
N LEU D 75 -3.18 6.56 -23.33
CA LEU D 75 -3.70 7.86 -23.67
C LEU D 75 -5.21 7.70 -23.74
N THR D 76 -5.98 8.63 -23.18
CA THR D 76 -7.44 8.52 -23.11
C THR D 76 -8.09 9.75 -23.70
N ILE D 77 -8.92 9.52 -24.73
CA ILE D 77 -9.64 10.59 -25.43
C ILE D 77 -11.10 10.41 -25.07
N THR D 78 -11.78 11.47 -24.69
CA THR D 78 -13.19 11.35 -24.42
C THR D 78 -14.00 12.10 -25.51
N LEU D 79 -14.95 11.42 -26.15
CA LEU D 79 -15.93 12.09 -27.08
C LEU D 79 -17.26 12.18 -26.36
N ARG D 80 -17.56 13.38 -25.81
CA ARG D 80 -18.74 13.67 -24.95
C ARG D 80 -19.94 13.95 -25.91
N ASN D 81 -21.18 13.63 -25.54
CA ASN D 81 -22.37 13.99 -26.39
C ASN D 81 -22.26 13.51 -27.87
N LEU D 82 -21.84 12.26 -28.04
CA LEU D 82 -21.50 11.73 -29.34
C LEU D 82 -22.66 11.89 -30.35
N GLN D 83 -22.32 12.34 -31.57
CA GLN D 83 -23.25 12.55 -32.70
C GLN D 83 -22.91 11.65 -33.88
N PRO D 84 -23.80 11.58 -34.90
CA PRO D 84 -23.50 10.80 -36.10
C PRO D 84 -22.30 11.32 -36.91
N HIS D 85 -22.15 12.65 -36.98
CA HIS D 85 -21.01 13.25 -37.71
C HIS D 85 -19.64 13.00 -37.03
N ASP D 86 -19.62 12.68 -35.74
CA ASP D 86 -18.38 12.33 -35.01
C ASP D 86 -17.81 11.00 -35.53
N ALA D 87 -18.59 10.28 -36.33
CA ALA D 87 -18.14 9.00 -36.90
C ALA D 87 -17.04 9.23 -37.96
N GLY D 88 -16.18 8.23 -38.16
CA GLY D 88 -15.11 8.28 -39.16
C GLY D 88 -13.73 7.98 -38.60
N LEU D 89 -12.71 8.50 -39.27
CA LEU D 89 -11.31 8.16 -38.99
C LEU D 89 -10.48 9.20 -38.17
N TYR D 90 -9.78 8.69 -37.16
CA TYR D 90 -8.93 9.50 -36.28
C TYR D 90 -7.60 8.84 -35.98
N GLN D 91 -6.63 9.67 -35.58
CA GLN D 91 -5.32 9.21 -35.12
C GLN D 91 -4.98 9.66 -33.67
N CYS D 92 -4.43 8.72 -32.91
CA CYS D 92 -3.64 8.99 -31.71
C CYS D 92 -2.24 9.20 -32.15
N GLN D 93 -1.65 10.32 -31.78
CA GLN D 93 -0.26 10.52 -32.17
C GLN D 93 0.65 11.01 -31.04
N SER D 94 1.95 10.80 -31.25
CA SER D 94 3.00 11.20 -30.35
C SER D 94 3.83 12.25 -31.03
N LEU D 95 4.00 13.40 -30.40
CA LEU D 95 4.64 14.54 -31.03
C LEU D 95 6.10 14.55 -30.64
N HIS D 96 6.97 14.98 -31.55
CA HIS D 96 8.39 15.18 -31.23
C HIS D 96 9.04 16.15 -32.20
N GLY D 97 9.37 17.35 -31.71
CA GLY D 97 9.80 18.46 -32.57
C GLY D 97 8.68 18.86 -33.53
N SER D 98 8.98 18.85 -34.83
CA SER D 98 8.02 19.17 -35.88
C SER D 98 7.08 17.99 -36.22
N GLU D 99 7.61 16.76 -36.13
CA GLU D 99 6.90 15.52 -36.52
C GLU D 99 5.80 14.98 -35.55
N ALA D 100 5.15 13.90 -36.00
CA ALA D 100 4.06 13.22 -35.33
C ALA D 100 3.99 11.72 -35.72
N ASP D 101 4.49 10.82 -34.86
CA ASP D 101 4.34 9.35 -35.02
C ASP D 101 2.90 9.00 -34.74
N THR D 102 2.37 8.04 -35.49
CA THR D 102 1.04 7.51 -35.27
C THR D 102 1.18 6.42 -34.20
N LEU D 103 0.24 6.35 -33.25
CA LEU D 103 0.25 5.30 -32.22
C LEU D 103 -0.84 4.28 -32.47
N ARG D 104 -2.00 4.81 -32.83
CA ARG D 104 -3.11 4.04 -33.29
C ARG D 104 -3.96 4.88 -34.27
N LYS D 105 -4.50 4.24 -35.32
CA LYS D 105 -5.58 4.80 -36.16
C LYS D 105 -6.88 4.27 -35.56
N VAL D 106 -7.83 5.16 -35.33
CA VAL D 106 -9.09 4.78 -34.68
C VAL D 106 -10.24 5.08 -35.63
N LEU D 107 -11.15 4.11 -35.75
CA LEU D 107 -12.36 4.25 -36.51
C LEU D 107 -13.47 4.38 -35.51
N VAL D 108 -14.20 5.48 -35.54
CA VAL D 108 -15.37 5.58 -34.65
C VAL D 108 -16.69 5.44 -35.46
N GLU D 109 -17.46 4.41 -35.07
CA GLU D 109 -18.83 4.19 -35.48
C GLU D 109 -19.76 4.63 -34.36
N VAL D 110 -20.94 5.13 -34.72
CA VAL D 110 -22.00 5.45 -33.76
C VAL D 110 -23.09 4.38 -33.92
N LEU D 111 -24.13 4.47 -33.09
CA LEU D 111 -25.41 3.76 -33.30
C LEU D 111 -26.48 4.32 -32.35
N ALA D 112 -27.76 4.12 -32.65
CA ALA D 112 -28.86 4.56 -31.75
C ALA D 112 -30.03 3.58 -31.80
N THR E 3 -22.49 21.92 22.55
CA THR E 3 -21.72 21.22 23.59
C THR E 3 -21.90 19.74 23.40
N THR E 4 -20.83 18.97 23.23
CA THR E 4 -20.93 17.50 23.16
C THR E 4 -20.43 16.99 24.49
N VAL E 5 -20.93 15.82 24.90
CA VAL E 5 -20.59 15.31 26.21
C VAL E 5 -19.63 14.16 26.11
N PHE E 6 -18.59 14.18 26.93
CA PHE E 6 -17.64 13.06 26.94
C PHE E 6 -17.62 12.55 28.35
N GLN E 7 -17.89 11.26 28.52
CA GLN E 7 -17.89 10.69 29.85
C GLN E 7 -16.95 9.53 30.03
N GLY E 8 -16.26 9.54 31.15
CA GLY E 8 -15.26 8.52 31.41
C GLY E 8 -15.26 8.03 32.85
N VAL E 9 -14.89 6.77 33.00
CA VAL E 9 -14.68 6.13 34.27
C VAL E 9 -13.52 6.79 35.03
N ALA E 10 -13.72 7.08 36.31
CA ALA E 10 -12.70 7.75 37.13
C ALA E 10 -11.49 6.87 37.23
N GLY E 11 -10.32 7.51 37.31
CA GLY E 11 -9.03 6.82 37.27
C GLY E 11 -8.68 6.03 36.02
N GLN E 12 -9.35 6.30 34.90
CA GLN E 12 -8.91 5.82 33.60
C GLN E 12 -8.80 6.99 32.62
N SER E 13 -8.18 6.71 31.46
CA SER E 13 -7.99 7.70 30.39
C SER E 13 -9.27 8.02 29.66
N LEU E 14 -9.63 9.27 29.58
CA LEU E 14 -10.74 9.68 28.76
C LEU E 14 -10.13 10.38 27.50
N GLN E 15 -10.57 9.97 26.30
CA GLN E 15 -10.07 10.49 25.01
C GLN E 15 -11.16 11.36 24.43
N VAL E 16 -10.90 12.65 24.36
CA VAL E 16 -11.83 13.59 23.77
C VAL E 16 -11.35 13.87 22.35
N SER E 17 -12.28 13.90 21.40
CA SER E 17 -12.00 14.08 19.98
C SER E 17 -12.75 15.34 19.55
N CYS E 18 -12.10 16.23 18.83
CA CYS E 18 -12.72 17.42 18.31
C CYS E 18 -12.35 17.33 16.79
N PRO E 19 -13.32 17.12 15.89
CA PRO E 19 -13.08 17.18 14.45
C PRO E 19 -13.02 18.64 14.02
N TYR E 20 -12.28 18.93 12.96
CA TYR E 20 -12.37 20.24 12.34
C TYR E 20 -12.02 20.20 10.84
N ASP E 21 -12.34 21.26 10.12
CA ASP E 21 -12.05 21.33 8.68
C ASP E 21 -10.54 21.54 8.48
N SER E 22 -9.87 20.54 7.90
CA SER E 22 -8.42 20.63 7.81
C SER E 22 -7.86 21.73 6.89
N MET E 23 -8.56 22.05 5.81
CA MET E 23 -8.15 23.17 4.94
C MET E 23 -8.36 24.53 5.62
N LYS E 24 -9.52 24.73 6.23
CA LYS E 24 -9.84 25.97 6.94
C LYS E 24 -8.84 26.26 8.05
N HIS E 25 -8.39 25.24 8.80
CA HIS E 25 -7.46 25.48 9.91
C HIS E 25 -6.02 25.17 9.57
N TRP E 26 -5.73 25.07 8.29
CA TRP E 26 -4.36 24.84 7.88
C TRP E 26 -3.40 25.83 8.50
N GLY E 27 -2.31 25.31 9.05
CA GLY E 27 -1.27 26.11 9.75
C GLY E 27 -1.50 26.59 11.16
N ARG E 28 -2.64 26.25 11.73
CA ARG E 28 -3.03 26.76 13.02
C ARG E 28 -2.82 25.76 14.11
N ARG E 29 -2.17 26.19 15.18
CA ARG E 29 -2.04 25.43 16.40
C ARG E 29 -3.39 25.40 17.07
N LYS E 30 -3.56 24.44 17.97
CA LYS E 30 -4.80 24.31 18.71
C LYS E 30 -4.52 24.35 20.18
N ALA E 31 -5.59 24.53 20.91
CA ALA E 31 -5.53 24.61 22.37
C ALA E 31 -6.76 24.00 22.97
N TRP E 32 -6.52 23.42 24.14
CA TRP E 32 -7.52 22.87 25.04
C TRP E 32 -7.54 23.78 26.31
N CYS E 33 -8.72 24.30 26.62
CA CYS E 33 -8.96 25.40 27.62
C CYS E 33 -10.09 24.96 28.52
N ARG E 34 -10.09 25.43 29.76
CA ARG E 34 -11.14 25.09 30.76
C ARG E 34 -11.96 26.34 31.12
N GLN E 35 -13.30 26.18 31.19
CA GLN E 35 -14.21 27.28 31.62
C GLN E 35 -14.47 27.19 33.12
N PRO E 41 -14.28 33.07 31.88
CA PRO E 41 -13.20 33.03 30.90
C PRO E 41 -12.57 31.61 30.74
N CYS E 42 -12.10 31.28 29.53
CA CYS E 42 -11.38 30.02 29.25
C CYS E 42 -9.89 30.07 29.61
N GLN E 43 -9.44 29.18 30.46
CA GLN E 43 -8.06 29.18 30.97
C GLN E 43 -7.34 28.05 30.20
N ARG E 44 -6.33 28.42 29.42
CA ARG E 44 -5.49 27.47 28.72
C ARG E 44 -5.03 26.36 29.63
N VAL E 45 -5.14 25.12 29.14
CA VAL E 45 -4.47 24.00 29.78
C VAL E 45 -3.26 23.53 29.00
N VAL E 46 -3.49 23.21 27.71
CA VAL E 46 -2.41 22.71 26.87
C VAL E 46 -2.71 23.13 25.43
N SER E 47 -1.65 23.34 24.67
CA SER E 47 -1.73 23.67 23.26
C SER E 47 -0.80 22.73 22.46
N THR E 48 -1.08 22.60 21.18
CA THR E 48 -0.23 21.78 20.33
C THR E 48 1.13 22.45 20.12
N HIS E 49 2.03 21.69 19.52
CA HIS E 49 3.42 22.09 19.35
C HIS E 49 3.58 23.45 18.61
N ASN E 50 4.52 24.24 19.08
CA ASN E 50 4.84 25.52 18.43
C ASN E 50 5.10 25.41 16.93
N LEU E 51 5.72 24.31 16.50
CA LEU E 51 6.06 24.04 15.11
C LEU E 51 4.95 23.22 14.53
N TRP E 52 4.23 23.82 13.62
CA TRP E 52 2.93 23.28 13.24
C TRP E 52 3.11 21.99 12.48
N LEU E 53 4.28 21.80 11.86
CA LEU E 53 4.53 20.53 11.16
C LEU E 53 4.76 19.39 12.11
N LEU E 54 4.94 19.66 13.40
CA LEU E 54 4.98 18.63 14.42
C LEU E 54 3.71 18.62 15.30
N SER E 55 2.57 19.00 14.73
CA SER E 55 1.33 19.00 15.51
C SER E 55 0.97 17.59 15.95
N PHE E 56 1.43 16.54 15.27
CA PHE E 56 1.20 15.15 15.73
C PHE E 56 1.85 14.80 17.08
N LEU E 57 2.77 15.63 17.57
CA LEU E 57 3.53 15.29 18.78
C LEU E 57 2.64 15.46 20.02
N ARG E 58 2.70 14.55 20.94
CA ARG E 58 1.86 14.64 22.10
C ARG E 58 2.48 15.63 23.10
N ARG E 59 1.76 16.66 23.46
CA ARG E 59 2.22 17.59 24.46
C ARG E 59 1.43 17.45 25.71
N TRP E 60 2.11 17.64 26.86
CA TRP E 60 1.53 17.39 28.16
C TRP E 60 1.47 18.63 29.02
N ASN E 61 0.41 18.74 29.81
CA ASN E 61 0.37 19.58 31.02
C ASN E 61 -0.21 18.71 32.12
N GLY E 62 0.64 18.29 33.05
CA GLY E 62 0.22 17.32 34.06
C GLY E 62 -0.28 16.07 33.36
N SER E 63 -1.51 15.67 33.64
CA SER E 63 -2.03 14.40 33.16
C SER E 63 -2.96 14.60 31.93
N THR E 64 -2.97 15.83 31.42
CA THR E 64 -3.63 16.14 30.17
C THR E 64 -2.67 16.18 28.99
N ALA E 65 -3.04 15.46 27.95
CA ALA E 65 -2.31 15.50 26.68
C ALA E 65 -3.15 15.95 25.56
N ILE E 66 -2.47 16.53 24.56
CA ILE E 66 -3.02 16.95 23.31
C ILE E 66 -2.15 16.48 22.09
N THR E 67 -2.81 16.05 21.02
CA THR E 67 -2.20 15.67 19.77
C THR E 67 -3.17 15.98 18.68
N ASP E 68 -2.63 16.34 17.52
CA ASP E 68 -3.41 16.81 16.42
C ASP E 68 -3.06 16.01 15.14
N ASP E 69 -4.08 15.58 14.45
CA ASP E 69 -3.99 15.01 13.10
C ASP E 69 -4.47 16.10 12.16
N THR E 70 -3.54 16.84 11.56
CA THR E 70 -3.85 17.99 10.71
C THR E 70 -4.30 17.59 9.32
N LEU E 71 -4.00 16.38 8.91
CA LEU E 71 -4.47 15.84 7.61
C LEU E 71 -5.94 15.43 7.62
N GLY E 72 -6.32 14.61 8.57
CA GLY E 72 -7.69 14.18 8.78
C GLY E 72 -8.53 15.19 9.53
N GLY E 73 -7.94 16.13 10.27
CA GLY E 73 -8.74 17.16 10.93
C GLY E 73 -9.36 16.65 12.21
N THR E 74 -8.54 16.01 13.04
CA THR E 74 -9.02 15.49 14.31
C THR E 74 -8.03 15.93 15.39
N LEU E 75 -8.54 16.62 16.41
CA LEU E 75 -7.72 16.98 17.58
C LEU E 75 -8.07 16.01 18.67
N THR E 76 -7.09 15.42 19.33
CA THR E 76 -7.31 14.43 20.38
C THR E 76 -6.71 14.97 21.70
N ILE E 77 -7.57 15.12 22.73
CA ILE E 77 -7.14 15.46 24.08
C ILE E 77 -7.26 14.24 24.92
N THR E 78 -6.21 13.84 25.62
CA THR E 78 -6.35 12.74 26.50
C THR E 78 -6.32 13.25 27.97
N LEU E 79 -7.32 12.87 28.79
CA LEU E 79 -7.27 13.15 30.29
C LEU E 79 -6.91 11.90 31.03
N ARG E 80 -5.68 11.82 31.48
CA ARG E 80 -5.23 10.57 32.05
C ARG E 80 -5.69 10.56 33.49
N ASN E 81 -5.97 9.36 34.02
CA ASN E 81 -6.38 9.17 35.40
C ASN E 81 -7.47 10.18 35.84
N LEU E 82 -8.60 10.07 35.17
CA LEU E 82 -9.64 11.05 35.26
C LEU E 82 -10.17 11.08 36.69
N GLN E 83 -10.39 12.29 37.21
CA GLN E 83 -10.87 12.49 38.57
C GLN E 83 -12.09 13.42 38.58
N PRO E 84 -12.97 13.29 39.60
CA PRO E 84 -14.14 14.18 39.74
C PRO E 84 -13.77 15.66 39.66
N HIS E 85 -12.59 16.06 40.13
CA HIS E 85 -12.14 17.46 39.93
C HIS E 85 -11.68 17.86 38.52
N ASP E 86 -11.71 16.92 37.57
CA ASP E 86 -11.54 17.24 36.12
C ASP E 86 -12.93 17.48 35.48
N ALA E 87 -14.01 17.10 36.16
CA ALA E 87 -15.34 17.35 35.62
C ALA E 87 -15.52 18.84 35.32
N GLY E 88 -16.27 19.16 34.26
CA GLY E 88 -16.40 20.58 33.87
C GLY E 88 -16.67 20.83 32.39
N LEU E 89 -16.65 22.11 32.03
CA LEU E 89 -16.88 22.59 30.67
C LEU E 89 -15.56 23.05 30.08
N TYR E 90 -15.18 22.54 28.91
CA TYR E 90 -13.88 22.93 28.29
C TYR E 90 -14.07 23.36 26.83
N GLN E 91 -12.99 23.92 26.26
CA GLN E 91 -13.00 24.29 24.86
C GLN E 91 -11.80 23.72 24.13
N CYS E 92 -12.10 23.28 22.90
CA CYS E 92 -11.09 23.06 21.83
C CYS E 92 -11.02 24.31 21.05
N GLN E 93 -9.84 24.86 20.82
CA GLN E 93 -9.73 26.06 20.02
C GLN E 93 -8.64 26.02 18.94
N SER E 94 -8.78 26.92 17.97
CA SER E 94 -7.84 27.07 16.89
C SER E 94 -7.23 28.47 17.02
N LEU E 95 -5.92 28.54 17.18
CA LEU E 95 -5.24 29.77 17.44
C LEU E 95 -4.89 30.43 16.12
N HIS E 96 -5.14 31.73 16.01
CA HIS E 96 -4.56 32.54 14.94
C HIS E 96 -4.33 33.95 15.44
N GLY E 97 -3.06 34.36 15.49
CA GLY E 97 -2.66 35.54 16.21
C GLY E 97 -2.91 35.26 17.68
N SER E 98 -3.21 36.32 18.43
CA SER E 98 -3.73 36.21 19.81
C SER E 98 -5.24 35.92 19.84
N GLU E 99 -5.91 35.90 18.68
CA GLU E 99 -7.22 35.22 18.55
C GLU E 99 -7.20 33.69 18.91
N ALA E 100 -8.40 33.23 19.26
CA ALA E 100 -8.66 31.83 19.52
C ALA E 100 -10.10 31.66 19.10
N ASP E 101 -10.37 30.82 18.11
CA ASP E 101 -11.71 30.52 17.67
C ASP E 101 -12.11 29.17 18.30
N THR E 102 -13.35 29.10 18.72
CA THR E 102 -13.94 27.91 19.27
C THR E 102 -14.23 26.86 18.22
N LEU E 103 -13.60 25.71 18.36
CA LEU E 103 -13.92 24.59 17.47
C LEU E 103 -14.99 23.70 18.10
N ARG E 104 -14.91 23.48 19.42
CA ARG E 104 -15.96 22.71 20.09
C ARG E 104 -16.01 23.03 21.58
N LYS E 105 -17.23 22.97 22.13
CA LYS E 105 -17.43 22.95 23.58
C LYS E 105 -17.64 21.54 24.00
N VAL E 106 -16.96 21.17 25.05
CA VAL E 106 -16.96 19.81 25.52
C VAL E 106 -17.29 19.80 27.00
N LEU E 107 -18.24 18.93 27.36
CA LEU E 107 -18.62 18.66 28.72
C LEU E 107 -17.97 17.37 29.11
N VAL E 108 -17.03 17.48 30.05
CA VAL E 108 -16.40 16.30 30.61
C VAL E 108 -17.15 16.00 31.91
N GLU E 109 -17.55 14.73 32.02
CA GLU E 109 -18.25 14.18 33.15
C GLU E 109 -17.57 12.88 33.54
N VAL E 110 -17.56 12.62 34.85
CA VAL E 110 -16.89 11.47 35.45
C VAL E 110 -17.90 10.57 36.16
N LEU E 111 -17.68 9.25 36.09
CA LEU E 111 -18.38 8.23 36.89
C LEU E 111 -17.36 7.48 37.78
N ALA E 112 -17.63 7.31 39.09
CA ALA E 112 -16.65 6.76 40.08
C ALA E 112 -15.88 5.46 39.69
N THR F 3 27.58 -21.01 15.54
CA THR F 3 27.81 -21.84 14.32
C THR F 3 26.60 -22.70 13.89
N THR F 4 26.00 -22.31 12.78
CA THR F 4 24.84 -22.99 12.25
C THR F 4 25.27 -23.53 10.91
N VAL F 5 24.76 -24.71 10.56
CA VAL F 5 25.07 -25.41 9.35
C VAL F 5 24.07 -25.03 8.26
N PHE F 6 24.52 -24.74 7.06
CA PHE F 6 23.67 -24.59 5.89
C PHE F 6 24.10 -25.66 4.90
N GLN F 7 23.20 -26.59 4.59
CA GLN F 7 23.45 -27.71 3.71
C GLN F 7 22.68 -27.50 2.44
N GLY F 8 23.27 -27.84 1.32
CA GLY F 8 22.54 -27.94 0.04
C GLY F 8 23.12 -29.06 -0.79
N VAL F 9 22.38 -29.49 -1.81
CA VAL F 9 22.85 -30.52 -2.72
C VAL F 9 23.80 -29.93 -3.74
N ALA F 10 24.71 -30.76 -4.20
CA ALA F 10 25.66 -30.38 -5.21
C ALA F 10 24.95 -30.01 -6.51
N GLY F 11 25.42 -28.96 -7.18
CA GLY F 11 24.84 -28.47 -8.43
C GLY F 11 23.64 -27.49 -8.31
N GLN F 12 23.05 -27.37 -7.11
CA GLN F 12 21.93 -26.45 -6.81
C GLN F 12 22.40 -25.21 -5.96
N SER F 13 21.64 -24.13 -6.11
CA SER F 13 21.85 -22.85 -5.42
C SER F 13 21.63 -23.00 -3.96
N LEU F 14 22.56 -22.55 -3.17
CA LEU F 14 22.34 -22.55 -1.73
C LEU F 14 22.29 -21.08 -1.24
N GLN F 15 21.30 -20.79 -0.45
CA GLN F 15 21.10 -19.47 0.04
C GLN F 15 21.41 -19.48 1.50
N VAL F 16 22.34 -18.64 1.92
CA VAL F 16 22.64 -18.40 3.32
C VAL F 16 22.10 -17.03 3.71
N SER F 17 21.50 -16.94 4.89
CA SER F 17 20.94 -15.71 5.43
C SER F 17 21.76 -15.40 6.67
N CYS F 18 22.10 -14.12 6.89
CA CYS F 18 22.62 -13.59 8.14
C CYS F 18 21.74 -12.40 8.62
N PRO F 19 20.84 -12.62 9.59
CA PRO F 19 20.14 -11.50 10.20
C PRO F 19 21.07 -10.64 11.04
N TYR F 20 20.74 -9.38 11.21
CA TYR F 20 21.53 -8.49 11.97
C TYR F 20 20.62 -7.34 12.36
N ASP F 21 21.09 -6.64 13.34
CA ASP F 21 20.39 -5.51 13.93
C ASP F 21 20.65 -4.31 13.02
N SER F 22 19.63 -3.87 12.31
CA SER F 22 19.88 -2.95 11.24
C SER F 22 20.25 -1.55 11.72
N MET F 23 19.76 -1.16 12.88
CA MET F 23 20.11 0.14 13.42
C MET F 23 21.56 0.15 13.90
N LYS F 24 21.97 -0.90 14.59
CA LYS F 24 23.34 -1.00 15.06
C LYS F 24 24.28 -1.00 13.87
N HIS F 25 23.92 -1.65 12.77
CA HIS F 25 24.86 -1.72 11.60
C HIS F 25 24.61 -0.72 10.48
N TRP F 26 23.85 0.36 10.80
CA TRP F 26 23.48 1.34 9.82
C TRP F 26 24.73 1.88 9.25
N GLY F 27 24.74 2.11 7.95
CA GLY F 27 25.94 2.59 7.25
C GLY F 27 27.14 1.67 7.03
N ARG F 28 27.09 0.42 7.48
CA ARG F 28 28.29 -0.47 7.41
C ARG F 28 28.06 -1.47 6.27
N ARG F 29 29.02 -1.53 5.39
CA ARG F 29 29.14 -2.52 4.37
C ARG F 29 29.30 -3.91 5.03
N LYS F 30 28.97 -4.95 4.26
CA LYS F 30 29.10 -6.34 4.76
C LYS F 30 30.02 -7.14 3.88
N ALA F 31 30.62 -8.19 4.47
CA ALA F 31 31.46 -9.18 3.75
C ALA F 31 31.16 -10.62 4.11
N TRP F 32 31.43 -11.48 3.14
CA TRP F 32 31.34 -12.92 3.28
C TRP F 32 32.77 -13.42 3.11
N CYS F 33 33.28 -14.04 4.14
CA CYS F 33 34.62 -14.57 4.01
C CYS F 33 34.81 -15.97 4.63
N ARG F 34 35.85 -16.64 4.15
CA ARG F 34 36.19 -18.03 4.53
C ARG F 34 37.17 -18.03 5.71
N GLN F 35 36.76 -18.58 6.81
CA GLN F 35 37.65 -18.69 7.94
C GLN F 35 38.42 -20.06 7.91
N LEU F 36 39.67 -19.97 7.50
CA LEU F 36 40.72 -20.99 7.65
C LEU F 36 41.25 -20.57 9.04
N GLY F 37 41.98 -21.40 9.76
CA GLY F 37 42.47 -21.01 11.13
C GLY F 37 41.58 -20.37 12.22
N GLU F 38 41.96 -20.58 13.50
CA GLU F 38 41.45 -19.79 14.67
C GLU F 38 42.04 -18.39 14.68
N GLY F 40 42.85 -15.95 13.30
CA GLY F 40 43.28 -16.84 12.22
C GLY F 40 42.57 -16.41 10.96
N PRO F 41 43.23 -16.57 9.78
CA PRO F 41 42.93 -15.81 8.54
C PRO F 41 41.48 -15.95 8.00
N CYS F 42 40.83 -14.80 7.79
CA CYS F 42 39.48 -14.70 7.24
C CYS F 42 39.48 -14.12 5.83
N GLN F 43 39.35 -14.96 4.81
CA GLN F 43 39.68 -14.57 3.47
C GLN F 43 38.43 -14.09 2.71
N ARG F 44 38.52 -12.87 2.22
CA ARG F 44 37.42 -12.17 1.63
C ARG F 44 36.99 -12.91 0.37
N VAL F 45 35.71 -13.27 0.28
CA VAL F 45 35.18 -13.78 -0.92
C VAL F 45 34.43 -12.67 -1.66
N VAL F 46 33.49 -12.02 -0.99
CA VAL F 46 32.67 -11.01 -1.69
C VAL F 46 32.20 -10.00 -0.64
N SER F 47 32.02 -8.78 -1.06
CA SER F 47 31.48 -7.74 -0.20
C SER F 47 30.37 -7.00 -0.91
N THR F 48 29.45 -6.46 -0.11
CA THR F 48 28.44 -5.53 -0.57
C THR F 48 29.04 -4.27 -1.21
N HIS F 49 28.20 -3.61 -2.02
CA HIS F 49 28.64 -2.42 -2.78
C HIS F 49 29.34 -1.41 -1.87
N ASN F 50 30.44 -0.85 -2.37
CA ASN F 50 31.12 0.28 -1.80
C ASN F 50 30.21 1.44 -1.43
N LEU F 51 29.14 1.66 -2.20
CA LEU F 51 28.13 2.71 -1.85
C LEU F 51 27.02 2.08 -1.00
N TRP F 52 26.93 2.48 0.25
CA TRP F 52 26.11 1.74 1.18
C TRP F 52 24.66 1.89 0.78
N LEU F 53 24.27 2.98 0.08
CA LEU F 53 22.84 3.14 -0.29
C LEU F 53 22.49 2.22 -1.43
N LEU F 54 23.48 1.67 -2.05
CA LEU F 54 23.30 0.66 -3.06
C LEU F 54 23.51 -0.79 -2.52
N SER F 55 23.42 -1.03 -1.19
CA SER F 55 23.71 -2.35 -0.63
C SER F 55 22.75 -3.48 -1.12
N PHE F 56 21.61 -3.06 -1.66
CA PHE F 56 20.66 -4.02 -2.26
C PHE F 56 21.23 -4.66 -3.51
N LEU F 57 22.30 -4.08 -4.10
CA LEU F 57 22.77 -4.53 -5.40
C LEU F 57 23.52 -5.86 -5.25
N ARG F 58 23.26 -6.77 -6.14
CA ARG F 58 23.75 -8.10 -5.97
C ARG F 58 25.15 -8.17 -6.55
N ARG F 59 26.15 -8.41 -5.68
CA ARG F 59 27.56 -8.41 -6.07
C ARG F 59 28.11 -9.83 -6.14
N TRP F 60 28.98 -10.12 -7.12
CA TRP F 60 29.43 -11.49 -7.43
C TRP F 60 30.89 -11.66 -7.28
N ASN F 61 31.30 -12.83 -6.78
CA ASN F 61 32.63 -13.33 -6.98
C ASN F 61 32.48 -14.76 -7.45
N GLY F 62 32.82 -14.94 -8.72
CA GLY F 62 32.68 -16.21 -9.38
C GLY F 62 31.21 -16.49 -9.29
N SER F 63 30.89 -17.60 -8.67
CA SER F 63 29.57 -18.03 -8.60
C SER F 63 28.96 -17.77 -7.18
N THR F 64 29.57 -16.95 -6.34
CA THR F 64 28.98 -16.55 -5.03
C THR F 64 28.44 -15.09 -5.19
N ALA F 65 27.23 -14.86 -4.76
CA ALA F 65 26.61 -13.51 -4.80
C ALA F 65 26.26 -13.07 -3.41
N ILE F 66 26.17 -11.77 -3.18
CA ILE F 66 25.73 -11.21 -1.90
C ILE F 66 24.80 -10.01 -2.12
N THR F 67 23.69 -9.91 -1.36
CA THR F 67 22.85 -8.72 -1.32
C THR F 67 22.49 -8.47 0.07
N ASP F 68 22.20 -7.22 0.40
CA ASP F 68 21.89 -6.83 1.74
C ASP F 68 20.59 -6.04 1.74
N ASP F 69 19.69 -6.44 2.60
CA ASP F 69 18.48 -5.66 2.93
C ASP F 69 18.79 -4.93 4.21
N THR F 70 19.15 -3.65 4.08
CA THR F 70 19.63 -2.90 5.20
C THR F 70 18.49 -2.41 6.10
N LEU F 71 17.25 -2.44 5.60
CA LEU F 71 16.09 -1.94 6.29
C LEU F 71 15.57 -3.06 7.23
N GLY F 72 15.48 -4.30 6.70
CA GLY F 72 15.06 -5.47 7.44
C GLY F 72 16.15 -6.10 8.28
N GLY F 73 17.40 -5.85 7.92
CA GLY F 73 18.52 -6.39 8.62
C GLY F 73 18.74 -7.82 8.19
N THR F 74 18.78 -8.11 6.87
CA THR F 74 19.06 -9.46 6.39
C THR F 74 20.13 -9.41 5.31
N LEU F 75 21.28 -10.06 5.55
CA LEU F 75 22.30 -10.25 4.49
C LEU F 75 22.04 -11.65 3.86
N THR F 76 22.04 -11.74 2.53
CA THR F 76 21.77 -12.96 1.81
C THR F 76 22.98 -13.25 0.95
N ILE F 77 23.58 -14.44 1.13
CA ILE F 77 24.67 -14.89 0.27
C ILE F 77 24.13 -16.06 -0.54
N THR F 78 24.35 -16.04 -1.84
CA THR F 78 23.87 -17.11 -2.70
C THR F 78 25.11 -17.88 -3.23
N LEU F 79 25.18 -19.20 -3.01
CA LEU F 79 26.32 -20.03 -3.61
C LEU F 79 25.72 -20.74 -4.79
N ARG F 80 25.96 -20.26 -5.99
CA ARG F 80 25.08 -20.66 -7.08
C ARG F 80 25.01 -22.17 -7.40
N ASN F 81 26.13 -22.81 -7.69
CA ASN F 81 26.13 -24.18 -8.28
C ASN F 81 27.04 -24.94 -7.26
N LEU F 82 26.45 -25.25 -6.11
CA LEU F 82 27.20 -25.60 -4.95
C LEU F 82 28.06 -26.83 -5.24
N GLN F 83 29.36 -26.71 -4.95
CA GLN F 83 30.31 -27.81 -5.16
C GLN F 83 31.12 -28.08 -3.89
N PRO F 84 31.83 -29.24 -3.85
CA PRO F 84 32.58 -29.57 -2.65
C PRO F 84 33.60 -28.56 -2.24
N HIS F 85 34.25 -27.91 -3.20
CA HIS F 85 35.18 -26.88 -2.84
C HIS F 85 34.53 -25.65 -2.15
N ASP F 86 33.22 -25.53 -2.14
CA ASP F 86 32.55 -24.46 -1.38
C ASP F 86 32.41 -24.78 0.07
N ALA F 87 32.57 -26.06 0.43
CA ALA F 87 32.30 -26.48 1.82
C ALA F 87 33.26 -25.75 2.76
N GLY F 88 32.91 -25.51 3.98
CA GLY F 88 33.80 -24.69 4.83
C GLY F 88 33.06 -23.88 5.89
N LEU F 89 33.90 -23.21 6.66
CA LEU F 89 33.47 -22.32 7.69
C LEU F 89 33.59 -20.93 7.09
N TYR F 90 32.51 -20.19 7.26
CA TYR F 90 32.45 -18.81 6.78
C TYR F 90 31.94 -17.84 7.82
N GLN F 91 32.36 -16.60 7.60
CA GLN F 91 31.89 -15.44 8.34
C GLN F 91 31.10 -14.42 7.49
N CYS F 92 29.94 -14.05 8.04
CA CYS F 92 29.21 -12.80 7.68
C CYS F 92 29.75 -11.70 8.57
N GLN F 93 30.33 -10.68 7.98
CA GLN F 93 30.89 -9.57 8.70
C GLN F 93 30.30 -8.23 8.35
N SER F 94 30.33 -7.37 9.35
CA SER F 94 30.04 -5.98 9.28
C SER F 94 31.32 -5.17 9.37
N LEU F 95 31.58 -4.42 8.31
CA LEU F 95 32.83 -3.68 8.15
C LEU F 95 32.77 -2.26 8.70
N HIS F 96 33.88 -1.80 9.25
CA HIS F 96 34.08 -0.44 9.78
C HIS F 96 35.57 -0.13 9.97
N GLY F 97 36.03 0.98 9.40
CA GLY F 97 37.45 1.24 9.23
C GLY F 97 38.02 0.07 8.47
N SER F 98 39.11 -0.48 8.98
CA SER F 98 39.62 -1.77 8.51
C SER F 98 39.34 -2.85 9.56
N GLU F 99 38.38 -2.61 10.45
CA GLU F 99 37.88 -3.64 11.36
C GLU F 99 36.72 -4.41 10.74
N ALA F 100 36.30 -5.45 11.45
CA ALA F 100 35.19 -6.28 11.04
C ALA F 100 34.52 -6.88 12.29
N ASP F 101 33.21 -6.73 12.47
CA ASP F 101 32.51 -7.50 13.48
C ASP F 101 31.85 -8.68 12.78
N THR F 102 31.78 -9.76 13.53
CA THR F 102 31.24 -11.01 13.10
C THR F 102 29.76 -10.98 13.39
N LEU F 103 28.98 -11.02 12.34
CA LEU F 103 27.54 -11.12 12.47
C LEU F 103 27.05 -12.57 12.62
N ARG F 104 27.70 -13.49 11.91
CA ARG F 104 27.34 -14.87 11.91
C ARG F 104 28.49 -15.77 11.47
N LYS F 105 28.53 -16.96 12.08
CA LYS F 105 29.47 -18.01 11.66
C LYS F 105 28.63 -19.08 11.06
N VAL F 106 28.97 -19.48 9.85
CA VAL F 106 28.21 -20.43 9.14
C VAL F 106 29.13 -21.56 8.60
N LEU F 107 28.65 -22.80 8.73
CA LEU F 107 29.22 -24.02 8.06
C LEU F 107 28.42 -24.38 6.85
N VAL F 108 29.04 -24.31 5.68
CA VAL F 108 28.48 -24.72 4.47
C VAL F 108 28.88 -26.20 4.26
N GLU F 109 27.89 -27.09 4.15
CA GLU F 109 28.12 -28.51 3.86
C GLU F 109 27.48 -28.88 2.54
N VAL F 110 28.14 -29.79 1.85
CA VAL F 110 27.66 -30.18 0.56
C VAL F 110 27.24 -31.62 0.59
N LEU F 111 25.99 -31.88 0.23
CA LEU F 111 25.45 -33.25 0.06
C LEU F 111 25.50 -33.69 -1.44
N ALA F 112 26.10 -34.86 -1.67
CA ALA F 112 26.11 -35.50 -3.02
C ALA F 112 24.70 -35.99 -3.37
C1 NAG G . -2.05 -2.86 -22.20
C2 NAG G . -0.54 -3.06 -22.44
C3 NAG G . -0.17 -2.59 -23.84
C4 NAG G . -0.93 -3.40 -24.89
C5 NAG G . -2.42 -3.43 -24.52
C6 NAG G . -3.16 -4.55 -25.18
C7 NAG G . 1.22 -3.13 -20.67
C8 NAG G . 1.85 -2.20 -19.67
N2 NAG G . 0.29 -2.44 -21.40
O3 NAG G . 1.24 -2.81 -24.03
O4 NAG G . -0.63 -2.84 -26.18
O5 NAG G . -2.72 -3.71 -23.13
O6 NAG G . -4.52 -4.38 -24.77
O7 NAG G . 1.60 -4.34 -20.76
I IOD H . 16.11 0.87 -12.91
I IOD I . 1.97 -15.11 -1.87
I IOD J . -13.54 -2.33 -7.17
S SO4 K . -19.82 -10.51 -17.64
O1 SO4 K . -20.90 -11.56 -17.70
O2 SO4 K . -20.24 -9.35 -16.80
O3 SO4 K . -19.52 -9.97 -18.95
O4 SO4 K . -18.65 -11.16 -17.09
S SO4 L . 20.36 -17.68 -8.10
O1 SO4 L . 19.17 -17.37 -7.32
O2 SO4 L . 19.98 -18.77 -7.34
O3 SO4 L . 20.02 -17.62 -9.52
O4 SO4 L . 21.17 -16.47 -7.83
C1 EDO M . -1.98 -3.19 -6.62
O1 EDO M . -1.85 -4.18 -7.49
C2 EDO M . -1.74 -3.86 -5.25
O2 EDO M . -1.56 -2.97 -4.12
C1 EDO N . -17.07 2.15 -13.90
O1 EDO N . -17.24 1.31 -12.79
C2 EDO N . -16.35 1.30 -14.90
O2 EDO N . -15.25 2.05 -15.45
C1 EDO O . 8.24 -6.23 -21.96
O1 EDO O . 7.82 -7.47 -22.53
C2 EDO O . 7.93 -5.11 -22.93
O2 EDO O . 6.92 -4.30 -22.35
C1 EDO P . 15.19 -4.93 -3.50
O1 EDO P . 15.56 -6.08 -4.20
C2 EDO P . 15.64 -3.85 -4.46
O2 EDO P . 14.92 -2.65 -4.18
C1 EDO Q . 1.63 3.61 -7.08
O1 EDO Q . 1.69 3.63 -5.69
C2 EDO Q . 1.04 4.80 -7.81
O2 EDO Q . 1.51 4.61 -9.19
C1 NAG R . -15.40 12.87 11.19
C2 NAG R . -15.51 13.90 10.04
C3 NAG R . -15.83 15.18 10.77
C4 NAG R . -17.22 14.97 11.47
C5 NAG R . -17.23 13.71 12.40
C6 NAG R . -18.65 13.47 12.95
C7 NAG R . -14.26 13.90 7.85
C8 NAG R . -12.85 14.00 7.34
N2 NAG R . -14.30 13.97 9.20
O3 NAG R . -15.72 16.27 9.84
O4 NAG R . -17.58 16.15 12.21
O5 NAG R . -16.65 12.53 11.76
O6 NAG R . -19.09 12.13 12.68
O7 NAG R . -15.21 13.79 7.05
I IOD S . -5.08 19.87 -6.05
I IOD T . -8.06 -4.26 12.66
O2 PSF U . -1.69 18.15 4.13
O1 PSF U . -3.56 19.53 5.29
P PSF U . -2.53 18.28 5.51
O4 PSF U . -1.67 18.37 6.78
O3 PSF U . -3.33 17.04 5.26
C2 PSF U . -1.16 16.90 3.68
C3 PSF U . 0.01 17.39 2.86
O11 PSF U . -0.62 18.10 1.78
O12 PSF U . -1.68 20.15 2.21
C1 PSF U . -0.65 19.59 1.80
C4 PSF U . 0.89 16.19 2.49
C5 PSF U . 2.82 16.21 0.76
O51 PSF U . 3.86 16.82 0.47
O52 PSF U . 2.19 16.59 2.04
C6 PSF U . 2.28 15.14 -0.21
C7 PSF U . 2.78 13.75 0.09
C13 PSF U . 0.61 20.35 1.33
C14 PSF U . 0.90 20.26 -0.19
C15 PSF U . 2.35 19.90 -0.53
N PSF U . -5.79 20.41 3.33
CA PSF U . -5.55 19.11 3.89
CB PSF U . -5.00 19.39 5.29
C PSF U . -6.71 18.04 3.82
OT1 PSF U . -7.76 18.00 3.10
OT2 PSF U . -6.57 17.02 4.50
C8 PSF U . 3.01 13.02 -1.16
C9 PSF U . 3.68 11.71 -0.85
C10 PSF U . 3.46 11.05 0.50
C16 PSF U . 2.66 19.56 -1.99
C17 PSF U . 3.03 18.10 -2.20
C1 EDO V . -3.51 11.68 -11.44
O1 EDO V . -4.34 12.83 -11.26
C2 EDO V . -4.39 10.51 -11.91
O2 EDO V . -5.68 10.99 -12.29
C1 EDO W . -1.00 8.84 3.72
O1 EDO W . -1.81 9.24 4.83
C2 EDO W . -0.82 7.37 3.74
O2 EDO W . -1.22 6.86 2.50
C1 EDO X . -16.30 5.30 14.19
O1 EDO X . -15.45 4.70 15.16
C2 EDO X . -16.10 4.61 12.83
O2 EDO X . -15.76 5.57 11.79
C1 EDO Y . -9.75 1.00 20.33
O1 EDO Y . -9.20 2.33 20.11
C2 EDO Y . -8.83 -0.03 19.71
O2 EDO Y . -8.70 -1.24 20.39
C1 NAG Z . 13.59 -13.83 11.59
C2 NAG Z . 14.63 -13.18 12.51
C3 NAG Z . 15.58 -14.25 12.98
C4 NAG Z . 14.77 -15.34 13.66
C5 NAG Z . 13.60 -15.88 12.81
C6 NAG Z . 12.68 -16.80 13.64
C7 NAG Z . 15.17 -10.78 12.12
C8 NAG Z . 16.03 -9.83 11.29
N2 NAG Z . 15.33 -12.10 11.84
O3 NAG Z . 16.52 -13.64 13.88
O4 NAG Z . 15.64 -16.41 13.99
O5 NAG Z . 12.80 -14.81 12.28
O6 NAG Z . 12.12 -17.81 12.77
O7 NAG Z . 14.40 -10.33 12.96
I IOD AA . 11.65 8.43 14.91
O2 PSF BA . 15.99 2.01 6.88
O1 PSF BA . 17.84 0.64 8.01
P PSF BA . 17.58 1.74 6.84
O4 PSF BA . 18.22 3.02 7.32
O3 PSF BA . 17.78 1.14 5.39
C2 PSF BA . 15.35 2.47 5.69
C3 PSF BA . 15.28 3.96 5.82
O11 PSF BA . 15.47 4.29 7.20
O12 PSF BA . 17.07 5.16 8.56
C1 PSF BA . 16.35 5.42 7.58
C4 PSF BA . 13.90 4.37 5.34
C5 PSF BA . 13.25 6.19 3.87
O51 PSF BA . 13.84 7.12 4.41
O52 PSF BA . 13.91 4.90 4.02
C6 PSF BA . 11.89 6.34 3.17
C7 PSF BA . 11.13 7.55 3.73
C13 PSF BA . 16.31 6.79 6.82
C14 PSF BA . 16.75 8.10 7.56
C15 PSF BA . 16.00 9.43 7.26
N PSF BA . 17.33 1.86 11.29
CA PSF BA . 16.80 1.30 10.15
CB PSF BA . 18.05 0.88 9.42
C PSF BA . 15.79 0.24 10.54
OT1 PSF BA . 15.33 -0.57 9.70
OT2 PSF BA . 15.31 0.18 11.70
C8 PSF BA . 9.68 7.36 3.73
C9 PSF BA . 8.84 7.93 2.65
C10 PSF BA . 8.24 6.84 1.75
C16 PSF BA . 14.54 9.31 6.74
C17 PSF BA . 13.61 10.54 6.70
C1 NAG CA . -10.06 22.85 -31.97
C2 NAG CA . -9.03 23.78 -32.61
C3 NAG CA . -9.48 24.15 -34.06
C4 NAG CA . -10.05 22.99 -34.86
C5 NAG CA . -11.12 22.34 -33.99
C6 NAG CA . -11.92 21.28 -34.71
C7 NAG CA . -8.85 25.40 -30.63
C8 NAG CA . -8.61 26.86 -30.32
N2 NAG CA . -8.82 25.09 -31.94
O3 NAG CA . -8.39 24.73 -34.79
O4 NAG CA . -10.61 23.45 -36.11
O5 NAG CA . -10.47 21.80 -32.85
O6 NAG CA . -13.03 22.00 -35.25
O7 NAG CA . -9.05 24.60 -29.74
S SO4 DA . 4.45 2.35 -29.18
O1 SO4 DA . 3.72 3.00 -28.12
O2 SO4 DA . 3.48 1.86 -30.19
O3 SO4 DA . 5.35 1.33 -28.68
O4 SO4 DA . 5.30 3.35 -29.86
S SO4 EA . 12.19 12.69 -28.08
O1 SO4 EA . 10.96 13.52 -28.06
O2 SO4 EA . 11.94 11.47 -27.25
O3 SO4 EA . 13.20 13.57 -27.49
O4 SO4 EA . 12.54 12.16 -29.43
S SO4 FA . 13.42 3.11 -26.07
O1 SO4 FA . 12.90 2.66 -27.39
O2 SO4 FA . 12.38 2.98 -25.03
O3 SO4 FA . 13.82 4.54 -26.24
O4 SO4 FA . 14.53 2.28 -25.59
O2 PSF GA . 6.06 8.20 -13.85
O1 PSF GA . 6.42 7.45 -16.32
P PSF GA . 6.28 8.78 -15.39
O4 PSF GA . 4.99 9.42 -15.83
O3 PSF GA . 7.53 9.63 -15.47
C2 PSF GA . 6.94 7.32 -13.11
C3 PSF GA . 8.08 8.09 -12.47
O11 PSF GA . 9.34 7.40 -12.66
O12 PSF GA . 10.09 8.05 -14.83
C1 PSF GA . 10.39 7.84 -13.65
C4 PSF GA . 7.78 8.27 -10.97
C5 PSF GA . 9.47 9.12 -9.14
O51 PSF GA . 9.96 10.14 -8.65
O52 PSF GA . 8.64 9.26 -10.36
C6 PSF GA . 9.78 7.78 -8.44
C7 PSF GA . 8.95 7.60 -7.16
C13 PSF GA . 11.86 7.95 -13.26
C14 PSF GA . 12.21 9.18 -12.43
C15 PSF GA . 12.26 8.88 -10.93
N PSF GA . 8.89 5.89 -15.66
CA PSF GA . 7.93 5.67 -16.71
CB PSF GA . 7.53 7.08 -17.15
C PSF GA . 8.50 4.81 -17.81
OT1 PSF GA . 9.68 4.73 -17.93
OT2 PSF GA . 7.79 4.19 -18.59
C8 PSF GA . 9.79 7.14 -6.01
C9 PSF GA . 9.00 7.13 -4.73
C10 PSF GA . 7.57 7.56 -4.81
C16 PSF GA . 13.64 8.52 -10.43
C17 PSF GA . 13.67 8.35 -8.93
C1 NAG HA . -1.22 23.73 33.32
C2 NAG HA . -0.85 25.10 32.77
C3 NAG HA . -0.98 26.17 33.87
C4 NAG HA . -2.45 26.33 34.20
C5 NAG HA . -3.00 24.97 34.66
C6 NAG HA . -4.53 25.05 34.63
C7 NAG HA . 0.72 25.87 31.07
C8 NAG HA . 2.14 25.76 30.57
N2 NAG HA . 0.46 25.13 32.15
O3 NAG HA . -0.47 27.44 33.48
O4 NAG HA . -2.70 27.34 35.18
O5 NAG HA . -2.54 23.83 33.86
O6 NAG HA . -5.16 23.78 34.79
O7 NAG HA . -0.14 26.58 30.53
I IOD IA . -3.18 7.10 27.45
S SO4 JA . 0.14 30.38 22.62
O1 SO4 JA . -1.20 30.99 22.90
O2 SO4 JA . 0.02 28.91 22.54
O3 SO4 JA . 0.65 30.98 21.35
O4 SO4 JA . 1.06 30.69 23.76
S SO4 KA . -14.27 23.86 11.55
O1 SO4 KA . -14.39 25.28 12.04
O2 SO4 KA . -14.65 22.95 12.66
O3 SO4 KA . -15.00 23.73 10.28
O4 SO4 KA . -12.90 23.53 11.21
S SO4 LA . -12.55 17.97 6.13
O1 SO4 LA . -13.02 19.36 5.91
O2 SO4 LA . -13.51 17.14 6.90
O3 SO4 LA . -12.46 17.29 4.80
O4 SO4 LA . -11.22 18.02 6.84
C1 NAG MA . 37.15 -14.17 -4.96
C2 NAG MA . 38.05 -12.94 -4.90
C3 NAG MA . 39.51 -13.38 -4.83
C4 NAG MA . 39.77 -14.39 -3.68
C5 NAG MA . 38.69 -15.48 -3.60
C6 NAG MA . 38.72 -16.24 -2.29
C7 NAG MA . 37.21 -10.88 -5.89
C8 NAG MA . 36.88 -10.20 -7.19
N2 NAG MA . 37.72 -12.09 -6.02
O3 NAG MA . 40.24 -12.21 -4.51
O4 NAG MA . 41.06 -14.97 -3.84
O5 NAG MA . 37.39 -14.91 -3.75
O6 NAG MA . 37.97 -17.46 -2.37
O7 NAG MA . 37.01 -10.33 -4.81
S SO4 NA . 39.82 -18.87 0.33
O1 SO4 NA . 39.15 -17.57 0.57
O2 SO4 NA . 39.43 -19.72 1.45
O3 SO4 NA . 39.12 -19.34 -0.89
O4 SO4 NA . 41.23 -18.43 0.37
S SO4 OA . 16.29 -5.41 13.97
O1 SO4 OA . 15.07 -4.65 14.32
O2 SO4 OA . 15.95 -6.85 13.94
O3 SO4 OA . 16.87 -5.04 12.66
O4 SO4 OA . 17.31 -5.14 15.03
S SO4 PA . 23.97 -7.85 15.29
O1 SO4 PA . 22.83 -7.72 16.17
O2 SO4 PA . 24.54 -9.25 15.40
O3 SO4 PA . 23.55 -7.51 13.97
O4 SO4 PA . 25.15 -7.01 15.68
C1 EDO QA . 27.71 -15.91 16.68
O1 EDO QA . 28.28 -14.96 15.76
C2 EDO QA . 26.59 -16.71 16.00
O2 EDO QA . 27.08 -17.42 14.85
#